data_5DZP
#
_entry.id   5DZP
#
_cell.length_a   61.518
_cell.length_b   93.874
_cell.length_c   75.318
_cell.angle_alpha   90.00
_cell.angle_beta   92.78
_cell.angle_gamma   90.00
#
_symmetry.space_group_name_H-M   'P 1 21 1'
#
loop_
_entity.id
_entity.type
_entity.pdbx_description
1 polymer 'L,D-transpeptidase 2'
2 non-polymer '(2~{R},3~{R},4~{R})-4-methyl-3-(2-oxidanylidene-2-propoxy-ethyl)sulfanyl-5-[(2~{S},3~{R})-3-oxidanyl-1-oxidanylidene-butan-2-yl]-3,4-dihydro-2~{H}-pyrrole-2-carboxylic acid'
3 water water
#
_entity_poly.entity_id   1
_entity_poly.type   'polypeptide(L)'
_entity_poly.pdbx_seq_one_letter_code
;GHMAPIKVIADKGTPFADLLVPKLTASVTDGAVGVTVDAPVSVTAADGVLAAVTMVNDNGRPVAGRLSPDGLRWSTTEQL
GYNRRYTLNATALGLGGAATRQLTFQTSSPAHLTMPYVMPGDGEVVGVGEPVAIRFDENIADRGAAEKAIKITTNPPVEG
AFYWLNNREVRWRPEHFWKPGTAVDVAVNTYGVDLGEGMFGEDNVQTHFTIGDEVIATADDNTKILTVRVNGEVVKSMPT
SMGKDSTPTANGIYIVGSRYKHIIMDSSTYGVPVNSPNGYRTDVDWATQISYSGVFVHSAPWSVGAQGHTNTSHGCLNVS
PSNAQWFYDHVKRGDIVEVVNTVGGTLPGIDGLGDWNIPWDQWRAGNAKA
;
_entity_poly.pdbx_strand_id   A,B
#
loop_
_chem_comp.id
_chem_comp.type
_chem_comp.name
_chem_comp.formula
6B7 non-polymer '(2~{R},3~{R},4~{R})-4-methyl-3-(2-oxidanylidene-2-propoxy-ethyl)sulfanyl-5-[(2~{S},3~{R})-3-oxidanyl-1-oxidanylidene-butan-2-yl]-3,4-dihydro-2~{H}-pyrrole-2-carboxylic acid' 'C15 H23 N O6 S'
#
# COMPACT_ATOMS: atom_id res chain seq x y z
N LEU A 19 -5.43 41.25 34.21
CA LEU A 19 -5.02 41.94 32.96
C LEU A 19 -4.53 40.94 31.84
N LEU A 20 -5.09 39.71 31.84
CA LEU A 20 -4.40 38.48 31.37
C LEU A 20 -4.85 37.81 30.03
N VAL A 21 -3.88 37.42 29.18
CA VAL A 21 -4.15 36.81 27.84
C VAL A 21 -4.23 35.27 27.93
N PRO A 22 -5.33 34.63 27.45
CA PRO A 22 -5.36 33.15 27.45
C PRO A 22 -4.19 32.52 26.68
N LYS A 23 -3.67 31.41 27.19
CA LYS A 23 -2.59 30.67 26.54
C LYS A 23 -3.04 29.31 26.01
N LEU A 24 -2.48 28.89 24.87
CA LEU A 24 -2.79 27.60 24.29
C LEU A 24 -1.57 26.73 24.36
N THR A 25 -1.74 25.47 24.72
CA THR A 25 -0.68 24.49 24.67
C THR A 25 -1.21 23.26 23.97
N ALA A 26 -0.67 22.99 22.80
CA ALA A 26 -0.96 21.78 22.05
C ALA A 26 0.12 20.72 22.24
N SER A 27 -0.25 19.44 22.03
CA SER A 27 0.75 18.34 22.15
C SER A 27 1.60 18.13 20.91
N VAL A 28 1.40 18.97 19.91
CA VAL A 28 2.13 18.88 18.65
C VAL A 28 2.64 20.27 18.38
N THR A 29 3.68 20.42 17.57
CA THR A 29 4.12 21.77 17.15
C THR A 29 3.77 22.04 15.67
N ASP A 30 3.42 23.29 15.36
CA ASP A 30 3.25 23.75 13.98
C ASP A 30 4.50 23.40 13.24
N GLY A 31 4.34 22.79 12.07
CA GLY A 31 5.47 22.39 11.27
C GLY A 31 6.04 21.04 11.62
N ALA A 32 5.54 20.33 12.63
CA ALA A 32 6.18 18.98 12.92
C ALA A 32 5.97 17.91 11.85
N VAL A 33 6.98 17.06 11.68
CA VAL A 33 6.92 15.91 10.78
C VAL A 33 7.18 14.64 11.56
N GLY A 34 6.83 13.46 11.01
CA GLY A 34 6.91 12.19 11.74
C GLY A 34 6.25 12.13 13.12
N VAL A 35 5.21 12.92 13.31
CA VAL A 35 4.35 12.80 14.51
C VAL A 35 3.73 11.37 14.58
N THR A 36 3.88 10.72 15.73
CA THR A 36 3.55 9.33 15.82
C THR A 36 2.12 9.25 16.26
N VAL A 37 1.48 8.23 15.76
CA VAL A 37 0.04 8.12 15.84
C VAL A 37 -0.43 7.16 16.96
N ASP A 38 0.52 6.86 17.85
CA ASP A 38 0.24 6.06 19.05
C ASP A 38 -0.45 6.85 20.19
N ALA A 39 -0.58 8.17 20.03
CA ALA A 39 -1.10 9.00 21.12
C ALA A 39 -2.14 9.98 20.58
N PRO A 40 -3.14 10.35 21.42
CA PRO A 40 -4.02 11.38 20.96
C PRO A 40 -3.34 12.75 20.85
N VAL A 41 -3.92 13.63 20.04
CA VAL A 41 -3.49 15.02 19.96
C VAL A 41 -4.42 15.85 20.87
N SER A 42 -3.82 16.69 21.69
CA SER A 42 -4.59 17.53 22.64
C SER A 42 -4.17 18.96 22.50
N VAL A 43 -5.06 19.85 22.93
CA VAL A 43 -4.85 21.29 23.10
C VAL A 43 -5.45 21.64 24.45
N THR A 44 -4.71 22.42 25.25
CA THR A 44 -5.15 22.95 26.58
C THR A 44 -5.17 24.49 26.60
N ALA A 45 -6.19 25.06 27.24
CA ALA A 45 -6.25 26.50 27.55
C ALA A 45 -5.78 26.77 28.99
N ALA A 46 -5.02 27.86 29.17
CA ALA A 46 -4.69 28.43 30.51
C ALA A 46 -5.11 29.90 30.52
N ASP A 47 -5.54 30.40 31.69
CA ASP A 47 -6.06 31.78 31.86
C ASP A 47 -7.21 32.10 30.88
N GLY A 48 -8.05 31.09 30.68
CA GLY A 48 -9.16 31.12 29.71
C GLY A 48 -9.69 29.70 29.44
N VAL A 49 -10.69 29.59 28.60
CA VAL A 49 -11.27 28.30 28.23
C VAL A 49 -11.23 28.16 26.66
N LEU A 50 -11.44 26.95 26.14
CA LEU A 50 -11.52 26.72 24.69
C LEU A 50 -12.89 26.97 24.05
N ALA A 51 -12.93 27.94 23.16
CA ALA A 51 -14.14 28.39 22.45
C ALA A 51 -14.37 27.67 21.12
N ALA A 52 -13.29 27.19 20.49
CA ALA A 52 -13.40 26.45 19.22
C ALA A 52 -12.14 25.64 19.05
N VAL A 53 -12.30 24.36 18.73
CA VAL A 53 -11.16 23.55 18.39
C VAL A 53 -11.63 22.69 17.27
N THR A 54 -11.00 22.80 16.11
CA THR A 54 -11.25 21.83 15.03
C THR A 54 -9.94 21.24 14.54
N MET A 55 -10.01 19.97 14.15
CA MET A 55 -8.90 19.34 13.50
C MET A 55 -9.40 18.71 12.23
N VAL A 56 -8.62 18.81 11.19
CA VAL A 56 -9.08 18.51 9.86
C VAL A 56 -7.90 17.86 9.21
N ASN A 57 -8.17 16.83 8.40
CA ASN A 57 -7.11 16.22 7.58
C ASN A 57 -6.85 17.00 6.29
N ASP A 58 -5.92 16.48 5.50
CA ASP A 58 -5.49 17.13 4.25
C ASP A 58 -6.61 17.25 3.21
N ASN A 59 -7.68 16.47 3.35
CA ASN A 59 -8.87 16.54 2.48
C ASN A 59 -9.98 17.45 2.99
N GLY A 60 -9.81 18.10 4.15
CA GLY A 60 -10.91 18.88 4.75
C GLY A 60 -11.80 18.11 5.69
N ARG A 61 -11.65 16.80 5.77
CA ARG A 61 -12.51 15.96 6.63
C ARG A 61 -12.17 16.08 8.13
N PRO A 62 -13.19 16.39 8.96
CA PRO A 62 -12.98 16.65 10.38
C PRO A 62 -12.50 15.40 11.15
N VAL A 63 -11.58 15.58 12.10
CA VAL A 63 -11.15 14.46 12.98
C VAL A 63 -12.09 14.40 14.20
N ALA A 64 -12.27 15.53 14.85
CA ALA A 64 -13.08 15.50 16.08
C ALA A 64 -12.69 14.48 17.24
N GLY A 65 -13.28 14.82 18.36
CA GLY A 65 -12.67 14.62 19.63
C GLY A 65 -13.64 15.24 20.57
N ARG A 66 -13.16 15.44 21.78
CA ARG A 66 -13.97 15.73 22.95
C ARG A 66 -13.32 16.89 23.70
N LEU A 67 -14.14 17.85 24.11
CA LEU A 67 -13.68 18.94 24.93
C LEU A 67 -14.12 18.59 26.33
N SER A 68 -13.26 18.75 27.31
CA SER A 68 -13.66 18.48 28.71
C SER A 68 -14.78 19.41 29.18
N PRO A 69 -15.71 18.92 30.04
CA PRO A 69 -16.72 19.79 30.64
C PRO A 69 -16.22 21.16 31.12
N ASP A 70 -15.09 21.25 31.83
CA ASP A 70 -14.55 22.54 32.27
C ASP A 70 -14.04 23.50 31.18
N GLY A 71 -13.98 22.99 29.94
CA GLY A 71 -13.58 23.77 28.75
C GLY A 71 -12.08 23.96 28.64
N LEU A 72 -11.31 23.25 29.45
CA LEU A 72 -9.90 23.49 29.48
C LEU A 72 -9.06 22.59 28.54
N ARG A 73 -9.59 21.41 28.16
CA ARG A 73 -8.76 20.37 27.48
C ARG A 73 -9.56 19.70 26.42
N TRP A 74 -9.05 19.78 25.20
CA TRP A 74 -9.64 19.11 24.06
C TRP A 74 -8.73 18.02 23.60
N SER A 75 -9.31 16.97 23.03
CA SER A 75 -8.48 15.82 22.63
C SER A 75 -9.14 15.04 21.51
N THR A 76 -8.34 14.53 20.56
CA THR A 76 -8.87 13.65 19.52
C THR A 76 -9.36 12.34 20.16
N THR A 77 -10.45 11.77 19.61
CA THR A 77 -11.07 10.56 20.17
C THR A 77 -11.00 9.39 19.19
N GLU A 78 -10.50 9.62 18.00
CA GLU A 78 -10.39 8.53 17.06
C GLU A 78 -8.93 8.39 16.68
N GLN A 79 -8.62 7.21 16.18
CA GLN A 79 -7.34 6.90 15.60
C GLN A 79 -6.89 7.89 14.52
N LEU A 80 -5.69 8.42 14.68
CA LEU A 80 -5.17 9.25 13.61
C LEU A 80 -4.44 8.35 12.61
N GLY A 81 -4.41 8.75 11.34
CA GLY A 81 -3.85 7.88 10.31
C GLY A 81 -2.40 8.20 10.00
N TYR A 82 -1.66 7.19 9.51
CA TYR A 82 -0.35 7.33 8.83
C TYR A 82 -0.43 8.19 7.57
N ASN A 83 0.69 8.80 7.23
CA ASN A 83 0.82 9.61 6.03
C ASN A 83 -0.27 10.67 5.81
N ARG A 84 -0.71 11.31 6.89
CA ARG A 84 -1.67 12.42 6.82
C ARG A 84 -1.01 13.78 7.19
N ARG A 85 -1.64 14.86 6.75
CA ARG A 85 -1.22 16.22 7.09
C ARG A 85 -2.48 16.77 7.81
N TYR A 86 -2.36 17.08 9.10
CA TYR A 86 -3.52 17.53 9.84
C TYR A 86 -3.34 18.99 10.18
N THR A 87 -4.45 19.71 10.16
CA THR A 87 -4.48 21.10 10.56
C THR A 87 -5.33 21.34 11.78
N LEU A 88 -4.72 21.92 12.79
CA LEU A 88 -5.40 22.13 14.05
C LEU A 88 -5.69 23.60 14.20
N ASN A 89 -6.94 24.00 14.36
CA ASN A 89 -7.24 25.37 14.72
C ASN A 89 -7.85 25.39 16.10
N ALA A 90 -7.49 26.40 16.92
CA ALA A 90 -7.94 26.53 18.33
C ALA A 90 -8.07 27.98 18.77
N THR A 91 -9.15 28.30 19.47
CA THR A 91 -9.32 29.64 20.03
C THR A 91 -9.67 29.50 21.50
N ALA A 92 -8.91 30.20 22.34
CA ALA A 92 -9.16 30.33 23.77
C ALA A 92 -9.63 31.76 24.06
N LEU A 93 -10.77 31.88 24.73
CA LEU A 93 -11.25 33.16 25.28
C LEU A 93 -10.98 33.19 26.79
N GLY A 94 -10.42 34.31 27.24
CA GLY A 94 -10.26 34.61 28.63
C GLY A 94 -11.18 35.75 28.99
N LEU A 95 -11.07 36.21 30.23
CA LEU A 95 -11.70 37.44 30.64
C LEU A 95 -10.79 38.54 30.10
N GLY A 96 -9.47 38.30 30.09
CA GLY A 96 -8.50 39.23 29.52
C GLY A 96 -8.13 39.03 28.05
N GLY A 97 -9.11 38.72 27.20
CA GLY A 97 -8.90 38.67 25.73
C GLY A 97 -8.96 37.31 25.03
N ALA A 98 -8.46 37.28 23.81
CA ALA A 98 -8.51 36.07 22.99
C ALA A 98 -7.15 35.63 22.42
N ALA A 99 -7.05 34.34 22.08
CA ALA A 99 -5.87 33.83 21.43
C ALA A 99 -6.31 32.72 20.50
N THR A 100 -5.83 32.82 19.25
CA THR A 100 -6.04 31.83 18.21
C THR A 100 -4.68 31.35 17.69
N ARG A 101 -4.60 30.03 17.48
CA ARG A 101 -3.46 29.38 16.84
C ARG A 101 -3.96 28.44 15.72
N GLN A 102 -3.13 28.29 14.70
CA GLN A 102 -3.33 27.24 13.68
C GLN A 102 -2.03 26.45 13.58
N LEU A 103 -2.13 25.13 13.67
CA LEU A 103 -0.94 24.27 13.62
C LEU A 103 -1.17 23.18 12.57
N THR A 104 -0.17 22.98 11.74
CA THR A 104 -0.19 21.92 10.74
C THR A 104 0.96 21.00 10.92
N PHE A 105 0.68 19.69 10.96
CA PHE A 105 1.72 18.72 11.20
C PHE A 105 1.45 17.47 10.40
N GLN A 106 2.50 16.70 10.15
CA GLN A 106 2.45 15.45 9.42
C GLN A 106 2.81 14.26 10.30
N THR A 107 2.02 13.21 10.16
CA THR A 107 2.25 11.99 10.93
C THR A 107 3.20 11.04 10.20
N SER A 108 3.59 9.96 10.89
CA SER A 108 4.61 9.01 10.43
C SER A 108 4.29 8.45 9.07
N SER A 109 5.33 8.26 8.27
CA SER A 109 5.10 7.67 6.96
C SER A 109 5.75 6.28 6.79
N PRO A 110 5.04 5.18 7.15
CA PRO A 110 5.75 3.91 7.28
C PRO A 110 6.22 3.44 5.91
N ALA A 111 7.38 2.80 5.84
CA ALA A 111 7.73 1.97 4.64
C ALA A 111 6.84 0.74 4.59
N HIS A 112 6.57 0.17 5.77
CA HIS A 112 5.73 -1.04 5.92
C HIS A 112 4.86 -1.04 7.19
N LEU A 113 3.81 -1.85 7.16
CA LEU A 113 2.99 -2.19 8.32
C LEU A 113 3.16 -3.63 8.77
N THR A 114 3.30 -3.85 10.07
CA THR A 114 3.14 -5.24 10.59
C THR A 114 1.92 -5.45 11.52
N MET A 115 1.21 -6.54 11.30
CA MET A 115 0.08 -6.89 12.17
C MET A 115 0.49 -7.95 13.22
N PRO A 116 0.28 -7.67 14.51
CA PRO A 116 0.49 -8.71 15.52
C PRO A 116 -0.72 -9.63 15.65
N TYR A 117 -0.47 -10.86 16.11
CA TYR A 117 -1.52 -11.85 16.44
C TYR A 117 -1.19 -12.37 17.82
N VAL A 118 -2.18 -12.35 18.72
CA VAL A 118 -1.94 -12.79 20.13
C VAL A 118 -2.60 -14.11 20.40
N MET A 119 -1.92 -14.91 21.21
CA MET A 119 -2.44 -16.15 21.77
C MET A 119 -2.09 -16.14 23.26
N PRO A 120 -2.86 -16.84 24.09
CA PRO A 120 -4.02 -17.61 23.67
C PRO A 120 -5.26 -16.70 23.44
N GLY A 121 -6.38 -17.34 23.07
CA GLY A 121 -7.60 -16.64 22.67
C GLY A 121 -8.21 -15.83 23.78
N ASP A 122 -8.86 -14.74 23.40
CA ASP A 122 -9.56 -13.88 24.33
C ASP A 122 -10.66 -14.61 25.12
N GLY A 123 -10.65 -14.50 26.42
CA GLY A 123 -11.62 -15.17 27.25
C GLY A 123 -11.38 -16.65 27.49
N GLU A 124 -10.31 -17.21 26.92
CA GLU A 124 -9.98 -18.61 27.13
C GLU A 124 -9.51 -18.94 28.55
N VAL A 125 -9.68 -20.21 28.94
CA VAL A 125 -9.12 -20.74 30.18
C VAL A 125 -8.06 -21.75 29.74
N VAL A 126 -6.80 -21.53 30.14
CA VAL A 126 -5.70 -22.37 29.64
C VAL A 126 -4.92 -23.03 30.80
N GLY A 127 -4.07 -23.99 30.45
CA GLY A 127 -3.23 -24.65 31.42
C GLY A 127 -2.04 -23.85 31.98
N VAL A 128 -1.33 -24.44 32.92
CA VAL A 128 -0.36 -23.69 33.72
C VAL A 128 0.94 -23.43 32.92
N GLY A 129 1.10 -24.04 31.73
CA GLY A 129 2.29 -23.84 30.91
C GLY A 129 2.12 -22.91 29.73
N GLU A 130 0.94 -22.27 29.61
CA GLU A 130 0.62 -21.42 28.47
C GLU A 130 1.39 -20.11 28.51
N PRO A 131 2.29 -19.91 27.52
CA PRO A 131 2.96 -18.59 27.50
C PRO A 131 2.07 -17.58 26.77
N VAL A 132 2.30 -16.28 27.00
CA VAL A 132 1.64 -15.24 26.20
C VAL A 132 2.47 -15.22 24.91
N ALA A 133 1.79 -15.15 23.77
CA ALA A 133 2.47 -15.16 22.48
C ALA A 133 2.02 -14.01 21.61
N ILE A 134 2.98 -13.28 21.08
CA ILE A 134 2.74 -12.18 20.15
C ILE A 134 3.52 -12.54 18.89
N ARG A 135 2.78 -12.97 17.86
CA ARG A 135 3.37 -13.22 16.57
C ARG A 135 3.09 -12.06 15.56
N PHE A 136 4.15 -11.43 15.04
CA PHE A 136 4.06 -10.40 13.98
C PHE A 136 4.15 -11.04 12.62
N ASP A 137 3.37 -10.56 11.66
CA ASP A 137 3.42 -11.06 10.28
C ASP A 137 4.62 -10.56 9.46
N GLU A 138 5.61 -9.94 10.09
CA GLU A 138 6.84 -9.51 9.41
C GLU A 138 7.93 -9.60 10.42
N ASN A 139 9.20 -9.62 9.99
CA ASN A 139 10.35 -9.66 10.91
C ASN A 139 10.47 -8.37 11.64
N ILE A 140 10.78 -8.44 12.94
CA ILE A 140 10.85 -7.21 13.75
C ILE A 140 12.29 -6.77 13.98
N ALA A 141 12.65 -5.61 13.40
CA ALA A 141 14.03 -5.14 13.51
C ALA A 141 14.33 -4.56 14.85
N ASP A 142 13.34 -3.96 15.48
CA ASP A 142 13.60 -3.40 16.82
C ASP A 142 12.74 -4.13 17.83
N ARG A 143 13.23 -5.31 18.30
CA ARG A 143 12.59 -6.15 19.33
C ARG A 143 12.27 -5.35 20.57
N GLY A 144 13.22 -4.50 20.98
CA GLY A 144 13.09 -3.65 22.20
C GLY A 144 11.83 -2.78 22.13
N ALA A 145 11.61 -2.17 20.98
CA ALA A 145 10.42 -1.33 20.76
C ALA A 145 9.10 -2.18 20.85
N ALA A 146 9.12 -3.37 20.26
CA ALA A 146 7.98 -4.30 20.39
C ALA A 146 7.65 -4.68 21.85
N GLU A 147 8.67 -5.03 22.62
CA GLU A 147 8.50 -5.42 24.00
C GLU A 147 7.99 -4.26 24.78
N LYS A 148 8.58 -3.08 24.56
CA LYS A 148 8.10 -1.90 25.28
C LYS A 148 6.58 -1.57 24.98
N ALA A 149 6.09 -1.92 23.80
CA ALA A 149 4.70 -1.68 23.38
C ALA A 149 3.72 -2.70 23.93
N ILE A 150 4.21 -3.80 24.54
CA ILE A 150 3.37 -4.86 25.03
C ILE A 150 3.24 -4.74 26.54
N LYS A 151 2.03 -4.42 27.04
CA LYS A 151 1.78 -4.36 28.49
C LYS A 151 1.07 -5.62 29.02
N ILE A 152 1.73 -6.34 29.92
CA ILE A 152 1.18 -7.55 30.54
C ILE A 152 0.82 -7.28 32.00
N THR A 153 -0.40 -7.57 32.39
CA THR A 153 -0.90 -7.41 33.76
C THR A 153 -1.21 -8.82 34.23
N THR A 154 -0.73 -9.21 35.39
CA THR A 154 -1.05 -10.52 35.98
C THR A 154 -1.68 -10.27 37.35
N ASN A 155 -2.67 -11.10 37.72
CA ASN A 155 -3.25 -11.06 39.05
C ASN A 155 -3.56 -12.45 39.53
N PRO A 156 -2.96 -12.93 40.60
CA PRO A 156 -1.94 -12.22 41.43
C PRO A 156 -0.68 -11.89 40.61
N PRO A 157 -0.10 -10.70 40.85
CA PRO A 157 1.11 -10.28 40.08
C PRO A 157 2.24 -11.29 40.21
N VAL A 158 2.96 -11.52 39.11
CA VAL A 158 4.04 -12.49 39.13
C VAL A 158 5.02 -11.96 38.13
N GLU A 159 6.29 -12.06 38.47
CA GLU A 159 7.38 -11.70 37.58
C GLU A 159 7.40 -12.54 36.30
N GLY A 160 7.59 -11.94 35.16
CA GLY A 160 7.85 -12.72 33.92
C GLY A 160 8.74 -11.91 32.99
N ALA A 161 9.08 -12.44 31.81
CA ALA A 161 10.00 -11.78 30.91
C ALA A 161 9.67 -12.20 29.51
N PHE A 162 10.04 -11.36 28.56
CA PHE A 162 9.96 -11.69 27.13
C PHE A 162 11.14 -12.48 26.62
N TYR A 163 10.89 -13.35 25.64
CA TYR A 163 11.97 -14.02 24.90
C TYR A 163 11.48 -14.31 23.51
N TRP A 164 12.35 -14.14 22.52
CA TRP A 164 11.97 -14.28 21.08
C TRP A 164 12.28 -15.67 20.61
N LEU A 165 11.34 -16.32 19.93
CA LEU A 165 11.53 -17.69 19.45
C LEU A 165 12.09 -17.65 18.05
N ASN A 166 11.92 -16.51 17.36
CA ASN A 166 12.36 -16.34 15.97
C ASN A 166 12.22 -14.84 15.63
N ASN A 167 12.35 -14.46 14.37
CA ASN A 167 12.25 -13.00 14.05
C ASN A 167 10.89 -12.30 14.20
N ARG A 168 9.85 -13.10 14.32
CA ARG A 168 8.44 -12.68 14.29
C ARG A 168 7.63 -12.90 15.57
N GLU A 169 8.05 -13.83 16.43
CA GLU A 169 7.25 -14.24 17.54
C GLU A 169 7.92 -14.06 18.87
N VAL A 170 7.30 -13.30 19.78
CA VAL A 170 7.88 -13.13 21.09
C VAL A 170 6.92 -13.76 22.10
N ARG A 171 7.48 -14.27 23.21
CA ARG A 171 6.76 -15.04 24.22
C ARG A 171 7.05 -14.43 25.58
N TRP A 172 6.07 -14.46 26.46
CA TRP A 172 6.25 -13.91 27.81
C TRP A 172 5.76 -14.95 28.80
N ARG A 173 6.56 -15.17 29.86
CA ARG A 173 6.11 -16.13 30.88
C ARG A 173 6.81 -15.95 32.20
N PRO A 174 6.25 -16.54 33.26
CA PRO A 174 6.95 -16.52 34.53
C PRO A 174 8.12 -17.54 34.57
N GLU A 175 8.85 -17.53 35.69
CA GLU A 175 9.88 -18.49 36.00
C GLU A 175 9.29 -19.89 36.11
N HIS A 176 8.23 -20.01 36.90
CA HIS A 176 7.59 -21.29 37.11
C HIS A 176 6.21 -21.29 36.43
N PHE A 177 5.61 -22.47 36.32
CA PHE A 177 4.26 -22.64 35.78
C PHE A 177 3.33 -21.67 36.51
N TRP A 178 2.36 -21.14 35.79
CA TRP A 178 1.37 -20.23 36.45
C TRP A 178 0.67 -20.94 37.59
N LYS A 179 0.27 -20.16 38.57
CA LYS A 179 -0.73 -20.63 39.57
C LYS A 179 -2.12 -20.61 38.97
N PRO A 180 -2.88 -21.69 39.17
CA PRO A 180 -4.29 -21.67 38.82
C PRO A 180 -5.04 -20.47 39.42
N GLY A 181 -5.95 -19.89 38.63
CA GLY A 181 -6.76 -18.76 39.04
C GLY A 181 -6.14 -17.41 38.68
N THR A 182 -4.92 -17.42 38.15
CA THR A 182 -4.25 -16.17 37.67
C THR A 182 -4.98 -15.62 36.45
N ALA A 183 -5.31 -14.32 36.49
CA ALA A 183 -5.81 -13.54 35.35
C ALA A 183 -4.60 -12.93 34.67
N VAL A 184 -4.60 -12.95 33.34
CA VAL A 184 -3.49 -12.46 32.57
C VAL A 184 -4.15 -11.57 31.53
N ASP A 185 -3.66 -10.35 31.43
CA ASP A 185 -4.17 -9.36 30.48
C ASP A 185 -3.05 -8.88 29.56
N VAL A 186 -3.27 -8.85 28.25
CA VAL A 186 -2.23 -8.56 27.31
C VAL A 186 -2.66 -7.42 26.39
N ALA A 187 -2.03 -6.25 26.54
CA ALA A 187 -2.34 -5.11 25.67
C ALA A 187 -1.17 -4.85 24.72
N VAL A 188 -1.33 -5.25 23.47
CA VAL A 188 -0.33 -5.04 22.47
C VAL A 188 -0.60 -3.68 21.79
N ASN A 189 0.05 -2.64 22.28
CA ASN A 189 -0.18 -1.25 21.88
C ASN A 189 0.81 -0.81 20.82
N THR A 190 0.76 -1.50 19.68
CA THR A 190 1.75 -1.33 18.63
C THR A 190 1.31 -0.34 17.51
N TYR A 191 0.06 0.09 17.50
CA TYR A 191 -0.33 1.05 16.44
C TYR A 191 0.41 2.35 16.66
N GLY A 192 1.05 2.84 15.61
CA GLY A 192 1.79 4.10 15.65
C GLY A 192 3.21 3.95 16.11
N VAL A 193 3.58 2.74 16.53
CA VAL A 193 4.91 2.53 17.11
C VAL A 193 5.85 2.10 15.96
N ASP A 194 7.04 2.71 15.97
CA ASP A 194 8.07 2.40 14.97
C ASP A 194 8.79 1.16 15.51
N LEU A 195 8.66 0.05 14.80
CA LEU A 195 9.20 -1.23 15.21
C LEU A 195 10.49 -1.54 14.45
N GLY A 196 11.07 -0.50 13.83
CA GLY A 196 12.44 -0.49 13.26
C GLY A 196 12.47 -0.51 11.75
N GLU A 197 13.46 0.15 11.15
CA GLU A 197 13.63 0.15 9.67
C GLU A 197 12.34 0.44 8.92
N GLY A 198 11.59 1.42 9.40
CA GLY A 198 10.43 1.94 8.71
C GLY A 198 9.12 1.21 8.93
N MET A 199 9.13 0.22 9.82
CA MET A 199 7.98 -0.64 10.02
C MET A 199 7.20 -0.23 11.26
N PHE A 200 5.88 -0.08 11.09
CA PHE A 200 5.05 0.41 12.12
C PHE A 200 3.92 -0.59 12.32
N GLY A 201 3.39 -0.63 13.54
CA GLY A 201 2.25 -1.50 13.83
C GLY A 201 1.03 -1.12 13.03
N GLU A 202 0.40 -2.13 12.46
CA GLU A 202 -0.85 -2.00 11.71
C GLU A 202 -2.05 -1.62 12.59
N ASP A 203 -2.06 -2.14 13.82
CA ASP A 203 -3.16 -1.96 14.79
C ASP A 203 -2.74 -2.44 16.14
N ASN A 204 -3.51 -2.05 17.16
CA ASN A 204 -3.45 -2.62 18.51
C ASN A 204 -4.27 -3.88 18.61
N VAL A 205 -3.86 -4.80 19.47
CA VAL A 205 -4.62 -5.99 19.74
C VAL A 205 -4.58 -6.17 21.25
N GLN A 206 -5.52 -6.96 21.75
CA GLN A 206 -5.76 -7.08 23.16
C GLN A 206 -6.24 -8.52 23.37
N THR A 207 -5.80 -9.18 24.42
CA THR A 207 -6.43 -10.45 24.82
C THR A 207 -6.41 -10.54 26.33
N HIS A 208 -7.30 -11.32 26.90
CA HIS A 208 -7.30 -11.60 28.34
C HIS A 208 -7.64 -13.06 28.54
N PHE A 209 -6.93 -13.74 29.45
CA PHE A 209 -7.16 -15.17 29.66
C PHE A 209 -7.02 -15.49 31.11
N THR A 210 -7.30 -16.74 31.47
CA THR A 210 -7.25 -17.16 32.86
C THR A 210 -6.57 -18.53 32.90
N ILE A 211 -5.81 -18.76 33.98
CA ILE A 211 -5.20 -20.04 34.16
C ILE A 211 -6.14 -20.94 34.92
N GLY A 212 -6.41 -22.13 34.36
CA GLY A 212 -7.25 -23.16 34.96
C GLY A 212 -6.52 -24.19 35.80
N ASP A 213 -7.07 -25.38 35.94
CA ASP A 213 -6.43 -26.43 36.77
C ASP A 213 -5.01 -26.75 36.34
N GLU A 214 -4.23 -27.20 37.29
CA GLU A 214 -2.94 -27.71 36.98
C GLU A 214 -3.05 -29.15 36.43
N VAL A 215 -2.62 -29.37 35.18
CA VAL A 215 -2.67 -30.68 34.54
C VAL A 215 -1.31 -30.95 33.93
N ILE A 216 -0.60 -31.92 34.48
CA ILE A 216 0.72 -32.29 34.01
C ILE A 216 0.68 -33.78 33.72
N ALA A 217 1.01 -34.18 32.47
CA ALA A 217 1.11 -35.58 32.07
C ALA A 217 2.57 -35.97 31.88
N THR A 218 3.00 -37.04 32.54
CA THR A 218 4.37 -37.51 32.40
C THR A 218 4.46 -38.84 31.64
N ALA A 219 5.27 -38.86 30.58
CA ALA A 219 5.62 -40.08 29.85
C ALA A 219 7.04 -40.53 30.27
N ASP A 220 7.13 -41.60 31.05
CA ASP A 220 8.39 -42.09 31.52
C ASP A 220 8.75 -43.24 30.62
N ASP A 221 9.86 -43.11 29.90
CA ASP A 221 10.32 -44.20 29.01
C ASP A 221 10.65 -45.52 29.74
N ASN A 222 10.97 -45.41 31.02
CA ASN A 222 11.27 -46.56 31.87
C ASN A 222 10.07 -47.44 32.14
N THR A 223 8.86 -46.88 32.03
CA THR A 223 7.65 -47.67 32.25
C THR A 223 6.76 -47.73 30.99
N LYS A 224 6.93 -46.79 30.06
CA LYS A 224 6.07 -46.64 28.89
C LYS A 224 4.61 -46.38 29.25
N ILE A 225 4.45 -45.64 30.34
CA ILE A 225 3.15 -45.21 30.81
C ILE A 225 3.14 -43.67 30.73
N LEU A 226 2.06 -43.11 30.18
CA LEU A 226 1.77 -41.68 30.25
C LEU A 226 0.78 -41.47 31.40
N THR A 227 1.22 -40.76 32.44
CA THR A 227 0.40 -40.56 33.65
C THR A 227 -0.12 -39.12 33.72
N VAL A 228 -1.42 -38.95 33.76
CA VAL A 228 -2.00 -37.61 33.82
C VAL A 228 -2.31 -37.30 35.29
N ARG A 229 -1.79 -36.17 35.75
CA ARG A 229 -2.01 -35.71 37.13
C ARG A 229 -2.75 -34.40 37.08
N VAL A 230 -3.91 -34.35 37.70
CA VAL A 230 -4.73 -33.14 37.80
C VAL A 230 -4.59 -32.65 39.26
N ASN A 231 -4.05 -31.44 39.40
CA ASN A 231 -3.78 -30.84 40.70
C ASN A 231 -3.06 -31.82 41.59
N GLY A 232 -2.10 -32.53 41.00
CA GLY A 232 -1.20 -33.36 41.83
C GLY A 232 -1.66 -34.82 42.01
N GLU A 233 -2.92 -35.13 41.70
CA GLU A 233 -3.42 -36.53 41.76
C GLU A 233 -3.46 -37.23 40.42
N VAL A 234 -3.06 -38.49 40.40
CA VAL A 234 -3.12 -39.35 39.21
C VAL A 234 -4.58 -39.63 38.88
N VAL A 235 -5.01 -39.26 37.67
CA VAL A 235 -6.38 -39.56 37.21
C VAL A 235 -6.48 -40.53 36.04
N LYS A 236 -5.37 -40.75 35.33
CA LYS A 236 -5.28 -41.67 34.17
C LYS A 236 -3.89 -42.14 34.05
N SER A 237 -3.75 -43.41 33.66
CA SER A 237 -2.47 -44.01 33.36
C SER A 237 -2.51 -44.73 32.01
N MET A 238 -1.78 -44.17 31.04
CA MET A 238 -1.99 -44.56 29.65
C MET A 238 -0.79 -45.37 29.15
N PRO A 239 -0.99 -46.70 28.88
CA PRO A 239 0.14 -47.35 28.17
C PRO A 239 0.41 -46.61 26.88
N THR A 240 1.70 -46.37 26.60
CA THR A 240 2.04 -45.65 25.41
C THR A 240 3.20 -46.29 24.64
N SER A 241 3.27 -46.01 23.34
CA SER A 241 4.44 -46.41 22.55
C SER A 241 5.01 -45.13 22.00
N MET A 242 6.25 -44.83 22.39
CA MET A 242 6.92 -43.61 21.92
C MET A 242 7.79 -43.87 20.68
N GLY A 243 8.73 -42.96 20.40
CA GLY A 243 9.61 -43.07 19.22
C GLY A 243 10.58 -44.21 19.34
N LYS A 244 10.65 -45.02 18.28
CA LYS A 244 11.64 -46.09 18.15
C LYS A 244 13.05 -45.53 18.23
N ASP A 245 14.01 -46.38 18.61
CA ASP A 245 15.37 -45.93 18.93
C ASP A 245 16.00 -45.00 17.88
N SER A 246 15.56 -45.14 16.64
CA SER A 246 16.14 -44.38 15.54
C SER A 246 15.42 -43.08 15.26
N THR A 247 14.18 -42.96 15.73
CA THR A 247 13.45 -41.71 15.70
C THR A 247 12.85 -41.48 17.10
N PRO A 248 13.70 -41.33 18.14
CA PRO A 248 13.20 -41.27 19.52
C PRO A 248 12.31 -40.02 19.84
N THR A 249 11.57 -40.07 20.95
CA THR A 249 10.85 -38.90 21.43
C THR A 249 11.87 -38.11 22.25
N ALA A 250 12.02 -36.83 21.94
CA ALA A 250 12.85 -35.94 22.72
C ALA A 250 12.26 -35.80 24.14
N ASN A 251 13.14 -35.84 25.14
CA ASN A 251 12.79 -35.58 26.50
C ASN A 251 12.50 -34.08 26.70
N GLY A 252 11.80 -33.77 27.78
CA GLY A 252 11.59 -32.40 28.20
C GLY A 252 10.12 -32.01 28.37
N ILE A 253 9.88 -30.70 28.35
CA ILE A 253 8.59 -30.17 28.75
C ILE A 253 7.92 -29.73 27.48
N TYR A 254 6.70 -30.20 27.27
CA TYR A 254 5.99 -29.78 26.08
C TYR A 254 4.71 -29.06 26.54
N ILE A 255 4.36 -27.96 25.87
CA ILE A 255 3.07 -27.30 26.10
C ILE A 255 2.03 -27.89 25.16
N VAL A 256 0.88 -28.25 25.69
CA VAL A 256 -0.24 -28.73 24.83
C VAL A 256 -0.70 -27.57 23.92
N GLY A 257 -0.77 -27.81 22.60
CA GLY A 257 -1.35 -26.82 21.71
C GLY A 257 -2.80 -27.15 21.36
N SER A 258 -3.02 -27.29 20.06
CA SER A 258 -4.32 -27.59 19.43
C SER A 258 -4.70 -29.08 19.48
N ARG A 259 -5.99 -29.37 19.30
CA ARG A 259 -6.49 -30.73 19.42
C ARG A 259 -7.46 -31.03 18.29
N TYR A 260 -7.47 -32.30 17.82
CA TYR A 260 -8.20 -32.66 16.60
C TYR A 260 -8.93 -33.96 16.80
N LYS A 261 -10.23 -33.97 16.44
CA LYS A 261 -10.97 -35.21 16.38
C LYS A 261 -10.32 -36.16 15.38
N HIS A 262 -9.81 -35.63 14.28
CA HIS A 262 -8.98 -36.40 13.34
C HIS A 262 -8.12 -35.38 12.58
N ILE A 263 -6.93 -35.81 12.17
CA ILE A 263 -6.06 -34.96 11.40
C ILE A 263 -5.25 -35.83 10.47
N ILE A 264 -5.02 -35.32 9.26
CA ILE A 264 -4.02 -35.93 8.40
C ILE A 264 -2.66 -35.43 8.78
N MET A 265 -1.80 -36.35 9.16
CA MET A 265 -0.41 -36.09 9.44
C MET A 265 0.40 -36.22 8.19
N ASP A 266 0.96 -35.10 7.75
CA ASP A 266 1.67 -34.99 6.51
C ASP A 266 3.08 -34.55 6.90
N SER A 267 4.08 -35.38 6.55
CA SER A 267 5.48 -35.12 6.91
C SER A 267 6.08 -33.90 6.21
N SER A 268 5.52 -33.53 5.04
CA SER A 268 5.88 -32.30 4.29
C SER A 268 5.68 -31.07 5.13
N THR A 269 4.56 -30.97 5.88
CA THR A 269 4.30 -29.89 6.87
C THR A 269 5.57 -29.62 7.70
N TYR A 270 6.24 -30.69 8.13
CA TYR A 270 7.45 -30.58 8.98
C TYR A 270 8.74 -30.83 8.22
N GLY A 271 8.76 -30.54 6.91
CA GLY A 271 10.00 -30.49 6.11
C GLY A 271 10.38 -31.78 5.39
N VAL A 272 9.84 -32.91 5.86
CA VAL A 272 10.23 -34.26 5.39
C VAL A 272 9.35 -34.75 4.22
N PRO A 273 9.96 -35.08 3.04
CA PRO A 273 9.09 -35.52 1.93
C PRO A 273 8.31 -36.82 2.26
N VAL A 274 7.02 -36.92 1.90
CA VAL A 274 6.19 -38.12 2.17
C VAL A 274 6.82 -39.32 1.46
N ASN A 275 7.18 -39.06 0.19
CA ASN A 275 7.89 -39.97 -0.71
C ASN A 275 9.27 -40.36 -0.11
N SER A 276 9.87 -39.48 0.71
CA SER A 276 11.10 -39.74 1.48
C SER A 276 11.05 -40.99 2.42
N PRO A 277 12.24 -41.53 2.82
CA PRO A 277 12.29 -42.70 3.74
C PRO A 277 11.66 -42.55 5.15
N ASN A 278 11.88 -41.41 5.82
CA ASN A 278 11.25 -41.10 7.12
C ASN A 278 9.87 -40.43 7.06
N GLY A 279 9.37 -40.16 5.85
CA GLY A 279 8.08 -39.50 5.66
C GLY A 279 6.86 -40.37 5.80
N TYR A 280 5.71 -39.74 5.73
CA TYR A 280 4.42 -40.40 6.05
C TYR A 280 3.28 -39.47 5.68
N ARG A 281 2.14 -40.10 5.39
CA ARG A 281 0.86 -39.42 5.37
C ARG A 281 -0.19 -40.43 5.79
N THR A 282 -0.78 -40.13 6.97
CA THR A 282 -1.71 -41.00 7.67
C THR A 282 -2.75 -40.13 8.34
N ASP A 283 -4.00 -40.59 8.29
CA ASP A 283 -5.08 -39.94 8.94
C ASP A 283 -5.14 -40.61 10.32
N VAL A 284 -5.22 -39.82 11.41
CA VAL A 284 -5.29 -40.37 12.77
C VAL A 284 -6.39 -39.72 13.57
N ASP A 285 -6.76 -40.38 14.66
CA ASP A 285 -7.84 -39.92 15.53
C ASP A 285 -7.36 -39.35 16.85
N TRP A 286 -8.18 -38.46 17.39
CA TRP A 286 -8.04 -37.93 18.73
C TRP A 286 -6.62 -37.52 18.96
N ALA A 287 -6.21 -36.46 18.26
CA ALA A 287 -4.77 -36.05 18.27
C ALA A 287 -4.60 -34.72 18.97
N THR A 288 -3.70 -34.71 19.94
CA THR A 288 -3.39 -33.52 20.67
C THR A 288 -1.98 -33.15 20.33
N GLN A 289 -1.80 -31.96 19.76
CA GLN A 289 -0.45 -31.47 19.43
C GLN A 289 0.40 -31.02 20.65
N ILE A 290 1.66 -31.48 20.76
CA ILE A 290 2.53 -30.99 21.86
C ILE A 290 3.84 -30.39 21.43
N SER A 291 4.16 -30.50 20.12
CA SER A 291 5.25 -29.65 19.60
C SER A 291 5.00 -29.15 18.15
N TYR A 292 5.65 -28.06 17.79
CA TYR A 292 5.58 -27.57 16.41
C TYR A 292 6.32 -28.51 15.52
N SER A 293 7.35 -29.14 16.06
CA SER A 293 8.07 -30.15 15.25
C SER A 293 7.18 -31.34 14.87
N GLY A 294 5.93 -31.39 15.35
CA GLY A 294 4.94 -32.41 14.97
C GLY A 294 4.66 -33.63 15.89
N VAL A 295 5.18 -33.60 17.12
CA VAL A 295 4.83 -34.56 18.16
C VAL A 295 3.38 -34.39 18.62
N PHE A 296 2.61 -35.48 18.51
CA PHE A 296 1.21 -35.52 18.98
C PHE A 296 1.05 -36.71 19.91
N VAL A 297 0.12 -36.59 20.85
CA VAL A 297 -0.55 -37.74 21.50
C VAL A 297 -1.77 -38.07 20.61
N HIS A 298 -1.90 -39.32 20.15
CA HIS A 298 -3.00 -39.67 19.26
C HIS A 298 -3.39 -41.14 19.36
N SER A 299 -4.58 -41.46 18.80
CA SER A 299 -5.02 -42.85 18.70
C SER A 299 -4.09 -43.64 17.80
N ALA A 300 -3.65 -44.78 18.29
CA ALA A 300 -2.84 -45.69 17.51
C ALA A 300 -3.33 -47.14 17.69
N PRO A 301 -4.45 -47.51 17.04
CA PRO A 301 -4.98 -48.92 17.21
C PRO A 301 -3.95 -50.00 16.83
N TRP A 302 -3.13 -49.75 15.80
CA TRP A 302 -2.11 -50.72 15.35
C TRP A 302 -1.01 -51.02 16.33
N SER A 303 -0.87 -50.20 17.39
CA SER A 303 0.26 -50.43 18.32
C SER A 303 -0.19 -50.73 19.74
N VAL A 304 -1.49 -51.03 19.88
CA VAL A 304 -2.08 -51.32 21.19
C VAL A 304 -1.25 -52.36 21.93
N GLY A 305 -0.67 -53.34 21.21
CA GLY A 305 0.13 -54.40 21.86
C GLY A 305 1.53 -53.97 22.22
N ALA A 306 2.09 -53.03 21.46
CA ALA A 306 3.42 -52.41 21.76
C ALA A 306 3.36 -51.41 22.94
N GLN A 307 2.19 -50.75 23.06
CA GLN A 307 1.89 -49.69 24.04
C GLN A 307 2.04 -50.24 25.46
N GLY A 308 2.97 -49.70 26.23
CA GLY A 308 3.32 -50.30 27.53
C GLY A 308 4.57 -51.18 27.46
N HIS A 309 5.06 -51.47 26.23
CA HIS A 309 6.19 -52.42 26.10
C HIS A 309 7.40 -51.92 25.33
N THR A 310 7.19 -51.55 24.08
CA THR A 310 8.29 -51.14 23.24
C THR A 310 7.88 -49.87 22.45
N ASN A 311 8.92 -49.07 22.14
CA ASN A 311 8.77 -47.86 21.32
C ASN A 311 8.77 -48.21 19.84
N THR A 312 7.70 -47.88 19.13
CA THR A 312 7.51 -48.15 17.71
C THR A 312 7.20 -46.94 16.78
N SER A 313 7.01 -45.73 17.33
CA SER A 313 6.53 -44.60 16.49
C SER A 313 7.67 -43.81 15.85
N HIS A 314 7.30 -42.82 15.02
CA HIS A 314 8.18 -41.76 14.56
C HIS A 314 8.55 -40.72 15.64
N GLY A 315 7.87 -40.75 16.78
CA GLY A 315 8.17 -39.77 17.85
C GLY A 315 6.95 -39.40 18.66
N CYS A 316 5.77 -39.54 18.05
CA CYS A 316 4.45 -39.39 18.66
C CYS A 316 4.19 -40.32 19.83
N LEU A 317 3.31 -39.90 20.73
CA LEU A 317 2.93 -40.70 21.86
C LEU A 317 1.70 -41.42 21.44
N ASN A 318 1.92 -42.67 21.01
CA ASN A 318 0.85 -43.52 20.64
C ASN A 318 0.21 -44.05 21.91
N VAL A 319 -1.11 -44.11 21.93
CA VAL A 319 -1.90 -44.61 23.04
C VAL A 319 -3.18 -45.19 22.41
N SER A 320 -3.95 -45.93 23.22
CA SER A 320 -5.17 -46.58 22.75
C SER A 320 -6.22 -45.58 22.25
N PRO A 321 -7.19 -46.03 21.40
CA PRO A 321 -8.19 -45.06 20.99
C PRO A 321 -8.96 -44.42 22.09
N SER A 322 -9.38 -45.17 23.10
CA SER A 322 -10.13 -44.53 24.18
C SER A 322 -9.25 -43.59 25.02
N ASN A 323 -7.97 -43.95 25.25
CA ASN A 323 -7.02 -43.03 25.94
C ASN A 323 -6.73 -41.72 25.21
N ALA A 324 -6.66 -41.78 23.88
CA ALA A 324 -6.47 -40.58 23.05
C ALA A 324 -7.65 -39.69 23.11
N GLN A 325 -8.85 -40.26 23.01
CA GLN A 325 -10.08 -39.47 23.14
C GLN A 325 -10.21 -38.90 24.58
N TRP A 326 -9.85 -39.70 25.59
CA TRP A 326 -9.83 -39.23 26.97
C TRP A 326 -8.94 -37.96 27.07
N PHE A 327 -7.73 -38.08 26.55
CA PHE A 327 -6.76 -36.99 26.48
C PHE A 327 -7.28 -35.72 25.73
N TYR A 328 -7.96 -35.91 24.60
CA TYR A 328 -8.61 -34.84 23.86
C TYR A 328 -9.68 -34.14 24.72
N ASP A 329 -10.48 -34.93 25.43
CA ASP A 329 -11.55 -34.37 26.26
C ASP A 329 -11.04 -33.76 27.57
N HIS A 330 -9.98 -34.29 28.13
CA HIS A 330 -9.58 -33.84 29.48
C HIS A 330 -8.33 -32.98 29.56
N VAL A 331 -7.62 -32.82 28.44
CA VAL A 331 -6.44 -31.95 28.41
C VAL A 331 -6.75 -30.70 27.50
N LYS A 332 -6.21 -29.54 27.89
CA LYS A 332 -6.55 -28.27 27.27
C LYS A 332 -5.27 -27.61 26.86
N ARG A 333 -5.38 -26.69 25.91
CA ARG A 333 -4.29 -25.75 25.55
C ARG A 333 -3.52 -25.20 26.75
N GLY A 334 -2.18 -25.34 26.76
CA GLY A 334 -1.40 -24.86 27.92
C GLY A 334 -1.17 -25.85 29.05
N ASP A 335 -1.84 -27.02 29.01
CA ASP A 335 -1.44 -28.10 29.89
C ASP A 335 -0.05 -28.61 29.50
N ILE A 336 0.52 -29.47 30.33
CA ILE A 336 1.90 -29.81 30.20
C ILE A 336 2.04 -31.30 29.98
N VAL A 337 2.89 -31.68 29.04
CA VAL A 337 3.37 -33.06 28.95
C VAL A 337 4.88 -33.02 29.16
N GLU A 338 5.36 -33.80 30.12
CA GLU A 338 6.82 -33.98 30.31
C GLU A 338 7.23 -35.37 29.89
N VAL A 339 8.17 -35.46 28.93
CA VAL A 339 8.71 -36.74 28.53
C VAL A 339 10.08 -36.90 29.22
N VAL A 340 10.37 -38.06 29.83
CA VAL A 340 11.61 -38.31 30.60
C VAL A 340 12.14 -39.72 30.32
N ASN A 341 13.46 -39.89 30.51
CA ASN A 341 14.17 -41.17 30.36
C ASN A 341 14.22 -41.77 28.96
N THR A 342 13.98 -41.00 27.90
CA THR A 342 14.07 -41.60 26.57
C THR A 342 15.51 -41.60 26.09
N VAL A 343 15.72 -42.31 24.98
CA VAL A 343 17.05 -42.35 24.41
C VAL A 343 17.31 -41.11 23.63
N GLY A 344 16.27 -40.32 23.31
CA GLY A 344 16.41 -39.04 22.56
C GLY A 344 17.10 -37.87 23.29
N GLY A 345 17.20 -36.72 22.63
CA GLY A 345 17.81 -35.53 23.27
C GLY A 345 16.72 -34.72 23.99
N THR A 346 16.90 -33.40 24.05
CA THR A 346 15.94 -32.51 24.72
C THR A 346 15.16 -31.73 23.64
N LEU A 347 13.84 -31.52 23.85
CA LEU A 347 13.09 -30.67 22.92
C LEU A 347 13.71 -29.26 22.81
N PRO A 348 13.91 -28.73 21.58
CA PRO A 348 14.42 -27.33 21.52
C PRO A 348 13.55 -26.33 22.30
N GLY A 349 14.22 -25.48 23.05
CA GLY A 349 13.59 -24.36 23.74
C GLY A 349 12.77 -23.48 22.82
N ILE A 350 13.16 -23.41 21.54
CA ILE A 350 12.51 -22.53 20.51
C ILE A 350 11.60 -23.30 19.55
N ASP A 351 11.23 -24.52 19.93
CA ASP A 351 10.35 -25.32 19.07
C ASP A 351 9.09 -24.56 18.65
N GLY A 352 8.48 -23.88 19.62
CA GLY A 352 7.12 -23.37 19.42
C GLY A 352 6.30 -23.77 20.63
N LEU A 353 6.58 -24.97 21.15
CA LEU A 353 5.89 -25.43 22.34
C LEU A 353 6.89 -25.91 23.38
N GLY A 354 8.15 -25.49 23.24
CA GLY A 354 9.21 -25.94 24.17
C GLY A 354 9.81 -24.89 25.07
N ASP A 355 9.10 -23.77 25.21
CA ASP A 355 9.54 -22.62 26.05
C ASP A 355 10.12 -22.94 27.41
N TRP A 356 9.50 -23.90 28.10
CA TRP A 356 9.90 -24.19 29.47
C TRP A 356 11.28 -24.91 29.54
N ASN A 357 11.84 -25.32 28.40
CA ASN A 357 13.15 -25.99 28.42
C ASN A 357 14.32 -25.00 28.46
N ILE A 358 14.07 -23.73 28.20
CA ILE A 358 15.08 -22.68 28.29
C ILE A 358 15.18 -22.31 29.78
N PRO A 359 16.39 -22.42 30.36
CA PRO A 359 16.72 -22.01 31.72
C PRO A 359 16.17 -20.59 31.99
N TRP A 360 15.61 -20.38 33.18
CA TRP A 360 15.05 -19.10 33.54
C TRP A 360 16.06 -17.95 33.42
N ASP A 361 17.31 -18.17 33.85
CA ASP A 361 18.33 -17.12 33.78
C ASP A 361 18.47 -16.66 32.35
N GLN A 362 18.56 -17.59 31.40
CA GLN A 362 18.65 -17.21 30.00
C GLN A 362 17.33 -16.57 29.46
N TRP A 363 16.17 -17.16 29.84
CA TRP A 363 14.92 -16.62 29.36
C TRP A 363 14.73 -15.19 29.87
N ARG A 364 14.94 -14.96 31.17
CA ARG A 364 14.89 -13.64 31.78
C ARG A 364 15.82 -12.57 31.12
N ALA A 365 17.07 -12.93 30.80
CA ALA A 365 18.01 -11.96 30.24
C ALA A 365 17.49 -11.62 28.85
N GLY A 366 16.73 -12.51 28.23
CA GLY A 366 16.09 -12.23 26.92
C GLY A 366 17.09 -12.19 25.77
N ASN A 367 16.61 -11.81 24.58
CA ASN A 367 17.43 -11.77 23.35
C ASN A 367 16.91 -10.63 22.49
N ALA A 368 16.54 -9.53 23.14
CA ALA A 368 16.04 -8.36 22.44
C ALA A 368 17.11 -7.65 21.59
N LYS A 369 18.40 -7.87 21.87
CA LYS A 369 19.44 -7.17 21.05
C LYS A 369 20.16 -8.02 20.02
N LEU B 20 14.67 50.30 -58.87
CA LEU B 20 13.79 49.74 -57.79
C LEU B 20 14.42 49.87 -56.39
N VAL B 21 13.71 50.46 -55.44
CA VAL B 21 14.18 50.61 -54.07
C VAL B 21 13.82 49.34 -53.30
N PRO B 22 14.73 48.80 -52.46
CA PRO B 22 14.41 47.62 -51.67
C PRO B 22 13.20 47.81 -50.70
N LYS B 23 12.40 46.76 -50.55
CA LYS B 23 11.26 46.76 -49.68
C LYS B 23 11.52 45.78 -48.52
N LEU B 24 11.18 46.22 -47.31
CA LEU B 24 11.25 45.42 -46.08
C LEU B 24 9.88 45.10 -45.52
N THR B 25 9.59 43.81 -45.33
CA THR B 25 8.32 43.29 -44.85
C THR B 25 8.61 42.44 -43.62
N ALA B 26 8.01 42.79 -42.48
CA ALA B 26 8.14 41.95 -41.24
C ALA B 26 6.89 41.14 -40.94
N SER B 27 7.05 40.07 -40.20
CA SER B 27 5.90 39.27 -39.78
C SER B 27 5.15 39.96 -38.59
N VAL B 28 5.64 41.14 -38.17
CA VAL B 28 5.01 41.95 -37.15
C VAL B 28 4.91 43.35 -37.77
N THR B 29 4.13 44.26 -37.17
CA THR B 29 4.11 45.66 -37.59
C THR B 29 4.49 46.56 -36.45
N ASP B 30 4.90 47.75 -36.81
CA ASP B 30 5.27 48.79 -35.87
C ASP B 30 4.13 49.21 -34.90
N GLY B 31 2.92 49.41 -35.33
CA GLY B 31 2.04 49.54 -34.08
C GLY B 31 2.07 48.50 -32.87
N ALA B 32 2.48 47.26 -33.12
CA ALA B 32 1.70 46.13 -32.56
C ALA B 32 1.81 45.87 -31.08
N VAL B 33 0.70 45.43 -30.51
CA VAL B 33 0.67 44.96 -29.11
C VAL B 33 -0.01 43.61 -29.09
N GLY B 34 0.18 42.91 -27.98
CA GLY B 34 -0.28 41.56 -27.79
C GLY B 34 0.25 40.60 -28.80
N VAL B 35 1.48 40.82 -29.30
CA VAL B 35 2.13 39.90 -30.25
C VAL B 35 2.43 38.60 -29.55
N THR B 36 1.96 37.49 -30.07
CA THR B 36 2.13 36.24 -29.38
C THR B 36 3.50 35.68 -29.65
N VAL B 37 4.04 34.96 -28.68
CA VAL B 37 5.45 34.52 -28.70
C VAL B 37 5.50 33.00 -29.04
N ASP B 38 4.42 32.48 -29.62
CA ASP B 38 4.41 31.08 -30.13
C ASP B 38 5.03 30.94 -31.50
N ALA B 39 5.53 32.03 -32.08
CA ALA B 39 6.10 31.98 -33.40
C ALA B 39 7.39 32.85 -33.43
N PRO B 40 8.36 32.51 -34.29
CA PRO B 40 9.49 33.40 -34.51
C PRO B 40 9.03 34.70 -35.20
N VAL B 41 9.81 35.79 -35.07
CA VAL B 41 9.54 37.03 -35.82
C VAL B 41 10.51 37.02 -37.01
N SER B 42 10.03 37.40 -38.19
CA SER B 42 10.88 37.39 -39.37
C SER B 42 10.79 38.73 -40.13
N VAL B 43 11.74 38.90 -41.04
CA VAL B 43 11.89 40.10 -41.89
C VAL B 43 12.31 39.58 -43.27
N THR B 44 11.74 40.12 -44.33
CA THR B 44 12.06 39.70 -45.68
C THR B 44 12.41 40.93 -46.48
N ALA B 45 13.47 40.86 -47.29
CA ALA B 45 13.72 41.95 -48.26
C ALA B 45 13.16 41.53 -49.62
N ALA B 46 12.68 42.49 -50.38
CA ALA B 46 12.15 42.21 -51.71
C ALA B 46 13.12 42.71 -52.80
N ASP B 47 13.31 44.00 -52.97
CA ASP B 47 14.02 44.34 -54.28
C ASP B 47 15.50 44.65 -54.00
N GLY B 48 16.21 43.68 -53.47
CA GLY B 48 17.36 43.94 -52.68
C GLY B 48 17.54 42.82 -51.68
N VAL B 49 18.40 43.08 -50.72
CA VAL B 49 18.95 42.04 -49.85
C VAL B 49 19.10 42.67 -48.48
N LEU B 50 18.97 41.88 -47.40
CA LEU B 50 19.15 42.41 -46.04
C LEU B 50 20.65 42.57 -45.70
N ALA B 51 21.10 43.80 -45.46
CA ALA B 51 22.44 44.09 -44.97
C ALA B 51 22.58 44.06 -43.43
N ALA B 52 21.50 44.29 -42.70
CA ALA B 52 21.56 44.37 -41.23
C ALA B 52 20.18 44.17 -40.71
N VAL B 53 20.08 43.26 -39.74
CA VAL B 53 18.88 43.16 -38.93
C VAL B 53 19.29 42.93 -37.49
N THR B 54 18.74 43.74 -36.61
CA THR B 54 18.94 43.55 -35.18
C THR B 54 17.62 43.72 -34.46
N MET B 55 17.44 42.88 -33.48
CA MET B 55 16.28 42.96 -32.64
C MET B 55 16.77 42.94 -31.23
N VAL B 56 16.20 43.84 -30.45
CA VAL B 56 16.72 44.16 -29.15
C VAL B 56 15.53 44.31 -28.23
N ASN B 57 15.73 43.82 -27.01
CA ASN B 57 14.66 43.97 -26.02
C ASN B 57 14.74 45.31 -25.33
N ASP B 58 13.83 45.52 -24.37
CA ASP B 58 13.65 46.83 -23.71
C ASP B 58 14.89 47.21 -22.93
N ASN B 59 15.64 46.23 -22.40
CA ASN B 59 16.95 46.45 -21.78
C ASN B 59 18.13 46.59 -22.74
N GLY B 60 17.90 46.53 -24.05
CA GLY B 60 18.98 46.65 -25.01
C GLY B 60 19.70 45.35 -25.34
N ARG B 61 19.31 44.26 -24.71
CA ARG B 61 19.94 42.98 -24.96
C ARG B 61 19.42 42.42 -26.32
N PRO B 62 20.34 42.00 -27.20
CA PRO B 62 19.92 41.53 -28.52
C PRO B 62 19.27 40.16 -28.47
N VAL B 63 18.39 39.90 -29.43
CA VAL B 63 17.76 38.59 -29.63
C VAL B 63 18.54 37.89 -30.77
N ALA B 64 18.86 36.61 -30.57
CA ALA B 64 19.51 35.82 -31.62
C ALA B 64 18.58 35.60 -32.81
N GLY B 65 19.18 35.76 -33.99
CA GLY B 65 18.54 35.36 -35.22
C GLY B 65 19.49 34.95 -36.30
N ARG B 66 18.94 34.54 -37.43
CA ARG B 66 19.65 33.95 -38.53
C ARG B 66 19.20 34.55 -39.84
N LEU B 67 20.15 35.11 -40.60
CA LEU B 67 19.97 35.53 -41.97
C LEU B 67 20.10 34.35 -42.92
N SER B 68 19.19 34.20 -43.88
CA SER B 68 19.32 33.11 -44.88
C SER B 68 20.53 33.36 -45.82
N PRO B 69 21.14 32.29 -46.39
CA PRO B 69 22.33 32.52 -47.25
C PRO B 69 22.12 33.51 -48.39
N ASP B 70 20.94 33.50 -49.00
CA ASP B 70 20.65 34.41 -50.11
C ASP B 70 20.38 35.86 -49.69
N GLY B 71 20.49 36.13 -48.37
CA GLY B 71 20.24 37.49 -47.83
C GLY B 71 18.79 37.98 -47.83
N LEU B 72 17.83 37.10 -48.12
CA LEU B 72 16.43 37.58 -48.35
C LEU B 72 15.56 37.59 -47.09
N ARG B 73 15.79 36.62 -46.18
CA ARG B 73 14.89 36.33 -45.04
C ARG B 73 15.69 36.20 -43.77
N TRP B 74 15.31 36.97 -42.76
CA TRP B 74 15.91 36.81 -41.43
C TRP B 74 14.87 36.36 -40.47
N SER B 75 15.27 35.55 -39.50
CA SER B 75 14.31 35.10 -38.53
C SER B 75 14.94 35.04 -37.14
N THR B 76 14.17 35.35 -36.08
CA THR B 76 14.61 35.08 -34.71
C THR B 76 14.81 33.56 -34.52
N THR B 77 15.77 33.17 -33.71
CA THR B 77 16.07 31.72 -33.52
C THR B 77 16.01 31.29 -32.04
N GLU B 78 15.64 32.20 -31.16
CA GLU B 78 15.42 31.85 -29.75
C GLU B 78 14.05 32.32 -29.32
N GLN B 79 13.65 31.80 -28.18
CA GLN B 79 12.33 32.00 -27.67
C GLN B 79 12.18 33.46 -27.32
N LEU B 80 11.04 34.05 -27.69
CA LEU B 80 10.80 35.47 -27.33
C LEU B 80 10.07 35.52 -25.99
N GLY B 81 10.20 36.61 -25.25
CA GLY B 81 9.70 36.66 -23.86
C GLY B 81 8.33 37.27 -23.75
N TYR B 82 7.52 36.74 -22.85
CA TYR B 82 6.33 37.46 -22.37
C TYR B 82 6.62 38.88 -21.88
N ASN B 83 5.67 39.77 -22.08
CA ASN B 83 5.70 41.09 -21.46
C ASN B 83 6.94 41.91 -21.87
N ARG B 84 7.34 41.79 -23.14
CA ARG B 84 8.55 42.52 -23.62
C ARG B 84 8.16 43.52 -24.72
N ARG B 85 8.93 44.59 -24.79
CA ARG B 85 8.93 45.50 -25.93
C ARG B 85 10.23 45.27 -26.73
N TYR B 86 10.09 44.82 -27.96
CA TYR B 86 11.23 44.63 -28.86
C TYR B 86 11.28 45.69 -29.94
N THR B 87 12.49 46.06 -30.27
CA THR B 87 12.79 47.01 -31.34
C THR B 87 13.64 46.28 -32.41
N LEU B 88 13.07 46.24 -33.60
CA LEU B 88 13.71 45.65 -34.75
C LEU B 88 14.27 46.80 -35.60
N ASN B 89 15.54 46.67 -35.99
CA ASN B 89 16.15 47.56 -36.95
C ASN B 89 16.63 46.71 -38.10
N ALA B 90 16.30 47.12 -39.32
CA ALA B 90 16.69 46.40 -40.55
C ALA B 90 17.05 47.37 -41.64
N THR B 91 18.05 47.01 -42.44
CA THR B 91 18.49 47.79 -43.63
C THR B 91 18.62 46.84 -44.82
N ALA B 92 18.04 47.22 -45.96
CA ALA B 92 18.16 46.40 -47.13
C ALA B 92 18.86 47.23 -48.20
N LEU B 93 19.67 46.56 -49.01
CA LEU B 93 20.42 47.21 -50.06
C LEU B 93 20.17 46.50 -51.33
N GLY B 94 20.04 47.24 -52.40
CA GLY B 94 20.07 46.62 -53.74
C GLY B 94 20.63 47.63 -54.70
N LEU B 95 20.66 47.24 -55.98
CA LEU B 95 21.08 48.14 -57.09
C LEU B 95 20.29 49.46 -57.24
N GLY B 96 19.00 49.45 -56.92
CA GLY B 96 18.22 50.70 -56.93
C GLY B 96 18.32 51.58 -55.67
N GLY B 97 19.22 51.25 -54.74
CA GLY B 97 19.39 52.01 -53.49
C GLY B 97 19.27 51.26 -52.17
N ALA B 98 18.84 51.97 -51.13
CA ALA B 98 18.79 51.46 -49.73
C ALA B 98 17.43 51.72 -49.09
N ALA B 99 17.09 50.95 -48.06
CA ALA B 99 15.86 51.19 -47.26
C ALA B 99 16.14 50.76 -45.82
N THR B 100 15.73 51.59 -44.84
CA THR B 100 15.87 51.23 -43.43
C THR B 100 14.54 51.43 -42.73
N ARG B 101 14.22 50.49 -41.81
CA ARG B 101 13.02 50.48 -41.01
C ARG B 101 13.30 50.23 -39.54
N GLN B 102 12.52 50.90 -38.71
CA GLN B 102 12.51 50.59 -37.30
C GLN B 102 11.09 50.32 -36.87
N LEU B 103 10.92 49.19 -36.19
CA LEU B 103 9.59 48.76 -35.72
C LEU B 103 9.73 48.39 -34.24
N THR B 104 8.76 48.79 -33.44
CA THR B 104 8.79 48.42 -32.04
C THR B 104 7.47 47.74 -31.85
N PHE B 105 7.47 46.62 -31.13
CA PHE B 105 6.21 45.96 -30.80
C PHE B 105 6.26 45.39 -29.38
N GLN B 106 5.11 45.04 -28.85
CA GLN B 106 5.11 44.54 -27.47
C GLN B 106 4.44 43.17 -27.45
N THR B 107 4.97 42.26 -26.65
CA THR B 107 4.44 40.89 -26.71
C THR B 107 3.32 40.69 -25.66
N SER B 108 2.61 39.56 -25.74
CA SER B 108 1.62 39.17 -24.71
C SER B 108 2.11 39.36 -23.28
N SER B 109 1.27 39.94 -22.43
CA SER B 109 1.55 39.91 -20.98
C SER B 109 0.45 39.10 -20.26
N PRO B 110 0.75 37.84 -19.98
CA PRO B 110 -0.23 36.93 -19.31
C PRO B 110 -0.65 37.48 -17.95
N ALA B 111 -1.91 37.28 -17.56
CA ALA B 111 -2.29 37.40 -16.14
C ALA B 111 -1.81 36.16 -15.34
N HIS B 112 -1.65 35.04 -16.05
CA HIS B 112 -1.35 33.76 -15.48
C HIS B 112 -0.60 32.86 -16.47
N LEU B 113 0.28 32.02 -15.93
CA LEU B 113 0.86 30.92 -16.67
C LEU B 113 0.34 29.58 -16.17
N THR B 114 0.30 28.59 -17.09
CA THR B 114 0.05 27.21 -16.70
C THR B 114 1.08 26.28 -17.31
N MET B 115 1.51 25.33 -16.51
CA MET B 115 2.44 24.37 -16.97
C MET B 115 1.70 23.06 -17.30
N PRO B 116 1.95 22.50 -18.49
CA PRO B 116 1.38 21.22 -18.87
C PRO B 116 2.29 20.09 -18.42
N TYR B 117 1.71 18.94 -18.10
CA TYR B 117 2.44 17.69 -17.83
C TYR B 117 1.89 16.55 -18.71
N VAL B 118 2.74 15.94 -19.57
CA VAL B 118 2.34 14.84 -20.43
C VAL B 118 2.65 13.46 -19.83
N MET B 119 1.68 12.55 -19.99
CA MET B 119 1.86 11.12 -19.76
C MET B 119 1.48 10.44 -21.08
N PRO B 120 2.00 9.26 -21.38
CA PRO B 120 3.03 8.54 -20.59
C PRO B 120 4.44 9.11 -20.85
N GLY B 121 5.47 8.58 -20.19
CA GLY B 121 6.84 9.15 -20.16
C GLY B 121 7.57 9.06 -21.50
N ASP B 122 8.52 9.95 -21.73
CA ASP B 122 9.29 9.95 -22.99
C ASP B 122 10.06 8.64 -23.05
N GLY B 123 10.23 8.08 -24.25
CA GLY B 123 10.89 6.81 -24.42
C GLY B 123 10.12 5.56 -24.02
N GLU B 124 9.09 5.70 -23.16
CA GLU B 124 8.34 4.55 -22.63
C GLU B 124 7.71 3.69 -23.75
N VAL B 125 7.47 2.41 -23.42
CA VAL B 125 6.77 1.44 -24.33
C VAL B 125 5.59 1.03 -23.47
N VAL B 126 4.37 1.22 -23.99
CA VAL B 126 3.12 1.09 -23.19
C VAL B 126 2.15 0.22 -23.96
N GLY B 127 1.06 -0.15 -23.28
CA GLY B 127 0.05 -1.09 -23.82
C GLY B 127 -1.01 -0.44 -24.69
N VAL B 128 -1.81 -1.27 -25.34
CA VAL B 128 -2.81 -0.84 -26.35
C VAL B 128 -3.96 0.07 -25.88
N GLY B 129 -4.14 0.19 -24.57
CA GLY B 129 -5.16 1.05 -24.01
C GLY B 129 -4.63 2.38 -23.46
N GLU B 130 -3.34 2.70 -23.65
CA GLU B 130 -2.75 3.93 -23.08
C GLU B 130 -3.24 5.23 -23.81
N PRO B 131 -3.96 6.10 -23.10
CA PRO B 131 -4.28 7.40 -23.74
C PRO B 131 -3.10 8.42 -23.63
N VAL B 132 -3.03 9.38 -24.54
CA VAL B 132 -2.20 10.57 -24.33
C VAL B 132 -2.89 11.35 -23.24
N ALA B 133 -2.12 11.85 -22.29
CA ALA B 133 -2.70 12.69 -21.24
C ALA B 133 -1.96 13.98 -21.13
N ILE B 134 -2.69 15.10 -21.08
CA ILE B 134 -2.03 16.39 -20.88
C ILE B 134 -2.74 16.99 -19.71
N ARG B 135 -2.00 17.19 -18.63
CA ARG B 135 -2.61 17.77 -17.45
C ARG B 135 -1.95 19.14 -17.20
N PHE B 136 -2.76 20.18 -17.04
CA PHE B 136 -2.28 21.56 -16.77
C PHE B 136 -2.35 21.82 -15.29
N ASP B 137 -1.43 22.63 -14.75
CA ASP B 137 -1.53 22.86 -13.32
C ASP B 137 -2.54 23.91 -13.01
N GLU B 138 -3.36 24.33 -13.98
CA GLU B 138 -4.40 25.34 -13.70
C GLU B 138 -5.64 25.09 -14.50
N ASN B 139 -6.80 25.56 -14.04
CA ASN B 139 -8.05 25.46 -14.84
C ASN B 139 -7.97 26.15 -16.23
N ILE B 140 -8.34 25.45 -17.28
CA ILE B 140 -8.23 25.96 -18.63
C ILE B 140 -9.59 26.58 -19.04
N ALA B 141 -9.59 27.87 -19.28
CA ALA B 141 -10.82 28.51 -19.64
C ALA B 141 -11.16 28.23 -21.12
N ASP B 142 -10.14 28.15 -21.99
CA ASP B 142 -10.40 27.96 -23.39
C ASP B 142 -9.93 26.58 -23.80
N ARG B 143 -10.79 25.57 -23.64
CA ARG B 143 -10.37 24.18 -23.95
C ARG B 143 -10.02 24.02 -25.41
N GLY B 144 -10.73 24.77 -26.28
CA GLY B 144 -10.45 24.68 -27.73
C GLY B 144 -9.06 25.06 -28.08
N ALA B 145 -8.57 26.11 -27.43
CA ALA B 145 -7.23 26.61 -27.70
C ALA B 145 -6.20 25.64 -27.25
N ALA B 146 -6.43 25.02 -26.10
CA ALA B 146 -5.47 24.02 -25.58
C ALA B 146 -5.36 22.86 -26.59
N GLU B 147 -6.51 22.38 -27.08
CA GLU B 147 -6.55 21.23 -28.00
C GLU B 147 -5.85 21.49 -29.30
N LYS B 148 -6.02 22.71 -29.83
CA LYS B 148 -5.41 23.11 -31.08
C LYS B 148 -3.90 23.21 -30.95
N ALA B 149 -3.42 23.60 -29.76
CA ALA B 149 -1.98 23.71 -29.48
C ALA B 149 -1.29 22.35 -29.31
N ILE B 150 -2.06 21.25 -29.20
CA ILE B 150 -1.47 19.93 -28.95
C ILE B 150 -1.45 19.14 -30.26
N LYS B 151 -0.27 18.79 -30.75
CA LYS B 151 -0.20 18.08 -32.03
C LYS B 151 0.16 16.62 -31.82
N ILE B 152 -0.76 15.72 -32.15
CA ILE B 152 -0.48 14.26 -32.08
C ILE B 152 -0.09 13.68 -33.45
N THR B 153 1.07 13.00 -33.49
CA THR B 153 1.42 12.24 -34.67
C THR B 153 1.42 10.75 -34.31
N THR B 154 0.79 9.94 -35.16
CA THR B 154 0.75 8.48 -35.00
C THR B 154 1.33 7.77 -36.23
N ASN B 155 1.98 6.64 -36.02
CA ASN B 155 2.55 5.87 -37.15
C ASN B 155 2.50 4.39 -36.82
N PRO B 156 1.59 3.64 -37.43
CA PRO B 156 0.73 4.08 -38.54
C PRO B 156 -0.31 5.12 -38.17
N PRO B 157 -0.63 6.04 -39.10
CA PRO B 157 -1.63 7.05 -38.79
C PRO B 157 -2.90 6.37 -38.29
N VAL B 158 -3.53 6.95 -37.29
CA VAL B 158 -4.86 6.51 -36.91
C VAL B 158 -5.59 7.77 -36.42
N GLU B 159 -6.90 7.81 -36.61
CA GLU B 159 -7.71 8.87 -36.09
C GLU B 159 -7.92 8.75 -34.57
N GLY B 160 -7.95 9.89 -33.86
CA GLY B 160 -8.28 9.97 -32.42
C GLY B 160 -8.85 11.33 -32.07
N ALA B 161 -9.24 11.58 -30.81
CA ALA B 161 -9.83 12.89 -30.45
C ALA B 161 -9.62 13.22 -28.98
N PHE B 162 -9.83 14.48 -28.61
CA PHE B 162 -9.69 14.96 -27.23
C PHE B 162 -10.94 14.89 -26.38
N TYR B 163 -10.77 14.56 -25.09
CA TYR B 163 -11.85 14.59 -24.18
C TYR B 163 -11.30 14.99 -22.81
N TRP B 164 -11.98 15.94 -22.18
CA TRP B 164 -11.52 16.52 -20.92
C TRP B 164 -12.05 15.65 -19.80
N LEU B 165 -11.13 15.15 -18.97
CA LEU B 165 -11.52 14.43 -17.71
C LEU B 165 -11.98 15.37 -16.61
N ASN B 166 -11.48 16.61 -16.61
CA ASN B 166 -11.78 17.60 -15.56
C ASN B 166 -11.36 18.98 -16.11
N ASN B 167 -11.37 20.02 -15.29
CA ASN B 167 -10.92 21.34 -15.74
C ASN B 167 -9.44 21.47 -16.10
N ARG B 168 -8.62 20.50 -15.68
CA ARG B 168 -7.16 20.56 -15.84
C ARG B 168 -6.56 19.59 -16.86
N GLU B 169 -7.26 18.47 -17.12
CA GLU B 169 -6.61 17.36 -17.78
C GLU B 169 -7.37 16.90 -19.00
N VAL B 170 -6.66 16.84 -20.13
CA VAL B 170 -7.30 16.38 -21.33
C VAL B 170 -6.65 15.13 -21.83
N ARG B 171 -7.48 14.25 -22.41
CA ARG B 171 -7.08 12.96 -22.96
C ARG B 171 -7.30 12.86 -24.47
N TRP B 172 -6.38 12.19 -25.17
CA TRP B 172 -6.52 11.90 -26.62
C TRP B 172 -6.32 10.43 -26.92
N ARG B 173 -7.30 9.80 -27.56
CA ARG B 173 -7.14 8.38 -27.86
C ARG B 173 -7.86 8.07 -29.15
N PRO B 174 -7.52 6.92 -29.82
CA PRO B 174 -8.25 6.54 -31.02
C PRO B 174 -9.60 5.89 -30.63
N GLU B 175 -10.40 5.44 -31.60
CA GLU B 175 -11.65 4.79 -31.31
C GLU B 175 -11.44 3.40 -30.70
N HIS B 176 -10.56 2.62 -31.33
CA HIS B 176 -10.19 1.30 -30.80
C HIS B 176 -8.76 1.30 -30.25
N PHE B 177 -8.44 0.27 -29.47
CA PHE B 177 -7.12 0.13 -28.86
C PHE B 177 -6.06 0.31 -29.90
N TRP B 178 -4.92 0.84 -29.49
CA TRP B 178 -3.77 1.00 -30.42
C TRP B 178 -3.38 -0.33 -31.07
N LYS B 179 -2.98 -0.30 -32.35
CA LYS B 179 -2.20 -1.40 -32.97
C LYS B 179 -0.80 -1.44 -32.35
N PRO B 180 -0.35 -2.63 -31.91
CA PRO B 180 1.05 -2.80 -31.50
C PRO B 180 2.09 -2.34 -32.53
N GLY B 181 3.17 -1.72 -32.03
CA GLY B 181 4.19 -1.13 -32.95
C GLY B 181 3.91 0.27 -33.51
N THR B 182 2.94 0.96 -32.90
CA THR B 182 2.55 2.33 -33.27
C THR B 182 3.40 3.31 -32.47
N ALA B 183 4.11 4.16 -33.21
CA ALA B 183 4.86 5.30 -32.65
C ALA B 183 3.87 6.41 -32.40
N VAL B 184 3.90 6.96 -31.19
CA VAL B 184 3.10 8.12 -30.88
C VAL B 184 3.99 9.31 -30.46
N ASP B 185 3.75 10.46 -31.10
CA ASP B 185 4.44 11.69 -30.82
C ASP B 185 3.53 12.83 -30.35
N VAL B 186 3.77 13.36 -29.15
CA VAL B 186 2.91 14.38 -28.53
C VAL B 186 3.68 15.72 -28.37
N ALA B 187 3.29 16.75 -29.12
CA ALA B 187 3.90 18.08 -29.05
C ALA B 187 2.88 19.05 -28.46
N VAL B 188 3.14 19.44 -27.21
CA VAL B 188 2.24 20.33 -26.50
C VAL B 188 2.83 21.70 -26.70
N ASN B 189 2.34 22.42 -27.71
CA ASN B 189 2.95 23.69 -28.12
C ASN B 189 2.26 24.88 -27.47
N THR B 190 2.30 24.97 -26.15
CA THR B 190 1.43 25.91 -25.42
C THR B 190 2.12 27.21 -25.15
N TYR B 191 3.45 27.23 -25.30
CA TYR B 191 4.17 28.49 -25.07
C TYR B 191 3.63 29.51 -26.05
N GLY B 192 3.19 30.66 -25.53
CA GLY B 192 2.79 31.81 -26.29
C GLY B 192 1.33 31.70 -26.66
N VAL B 193 0.68 30.58 -26.36
CA VAL B 193 -0.74 30.40 -26.66
C VAL B 193 -1.64 30.98 -25.54
N ASP B 194 -2.58 31.82 -25.94
CA ASP B 194 -3.58 32.29 -25.01
C ASP B 194 -4.60 31.17 -24.70
N LEU B 195 -4.57 30.65 -23.46
CA LEU B 195 -5.54 29.58 -23.10
C LEU B 195 -6.83 30.09 -22.40
N GLY B 196 -7.06 31.39 -22.47
CA GLY B 196 -8.29 32.00 -22.03
C GLY B 196 -8.10 32.71 -20.70
N GLU B 197 -8.85 33.81 -20.57
CA GLU B 197 -8.89 34.59 -19.36
C GLU B 197 -7.50 35.01 -18.98
N GLY B 198 -6.65 35.33 -19.96
CA GLY B 198 -5.32 35.88 -19.65
C GLY B 198 -4.28 34.84 -19.31
N MET B 199 -4.63 33.58 -19.47
CA MET B 199 -3.69 32.51 -19.06
C MET B 199 -2.90 31.97 -20.26
N PHE B 200 -1.59 31.86 -20.14
CA PHE B 200 -0.77 31.48 -21.29
C PHE B 200 0.11 30.31 -20.88
N GLY B 201 0.61 29.54 -21.84
CA GLY B 201 1.39 28.35 -21.51
C GLY B 201 2.72 28.82 -20.92
N GLU B 202 3.16 28.17 -19.86
CA GLU B 202 4.47 28.47 -19.29
C GLU B 202 5.62 28.00 -20.19
N ASP B 203 5.39 26.92 -20.92
CA ASP B 203 6.41 26.28 -21.72
C ASP B 203 5.74 25.30 -22.67
N ASN B 204 6.49 24.85 -23.68
CA ASN B 204 6.14 23.70 -24.52
C ASN B 204 6.63 22.42 -23.85
N VAL B 205 5.92 21.30 -24.00
CA VAL B 205 6.48 19.99 -23.56
C VAL B 205 6.27 19.04 -24.70
N GLN B 206 7.14 18.04 -24.74
CA GLN B 206 7.08 17.01 -25.76
C GLN B 206 7.24 15.64 -25.12
N THR B 207 6.43 14.66 -25.55
CA THR B 207 6.74 13.27 -25.31
C THR B 207 6.64 12.37 -26.58
N HIS B 208 7.39 11.27 -26.62
CA HIS B 208 7.21 10.29 -27.65
C HIS B 208 7.21 8.90 -26.97
N PHE B 209 6.39 7.98 -27.48
CA PHE B 209 6.26 6.65 -26.87
C PHE B 209 5.88 5.64 -27.91
N THR B 210 5.97 4.37 -27.54
CA THR B 210 5.64 3.31 -28.48
C THR B 210 4.59 2.38 -27.87
N ILE B 211 3.74 1.82 -28.73
CA ILE B 211 2.78 0.83 -28.30
C ILE B 211 3.43 -0.58 -28.46
N GLY B 212 3.53 -1.29 -27.35
CA GLY B 212 4.09 -2.64 -27.39
C GLY B 212 3.00 -3.66 -27.65
N ASP B 213 3.14 -4.82 -26.99
CA ASP B 213 2.23 -5.96 -27.18
C ASP B 213 0.79 -5.71 -26.70
N GLU B 214 -0.18 -6.24 -27.44
CA GLU B 214 -1.58 -6.31 -27.02
C GLU B 214 -1.76 -7.24 -25.83
N VAL B 215 -2.05 -6.68 -24.67
CA VAL B 215 -2.18 -7.48 -23.48
C VAL B 215 -3.52 -7.08 -22.84
N ILE B 216 -4.44 -8.04 -22.69
CA ILE B 216 -5.81 -7.76 -22.25
C ILE B 216 -6.16 -8.90 -21.32
N ALA B 217 -6.45 -8.56 -20.07
CA ALA B 217 -6.76 -9.56 -19.06
C ALA B 217 -8.26 -9.43 -18.80
N THR B 218 -9.00 -10.52 -18.91
CA THR B 218 -10.46 -10.44 -18.63
C THR B 218 -10.80 -11.11 -17.33
N ALA B 219 -11.40 -10.36 -16.44
CA ALA B 219 -12.02 -10.90 -15.23
C ALA B 219 -13.55 -11.22 -15.40
N ASP B 220 -13.92 -12.50 -15.51
CA ASP B 220 -15.35 -12.88 -15.63
C ASP B 220 -15.88 -13.31 -14.27
N ASP B 221 -16.80 -12.55 -13.70
CA ASP B 221 -17.45 -12.92 -12.46
C ASP B 221 -18.19 -14.30 -12.46
N ASN B 222 -18.85 -14.64 -13.57
CA ASN B 222 -19.44 -15.99 -13.77
C ASN B 222 -18.45 -17.14 -13.54
N THR B 223 -17.19 -16.99 -13.94
CA THR B 223 -16.19 -18.02 -13.69
C THR B 223 -15.24 -17.69 -12.55
N LYS B 224 -15.19 -16.43 -12.15
CA LYS B 224 -14.12 -15.94 -11.22
C LYS B 224 -12.67 -16.28 -11.61
N ILE B 225 -12.43 -16.34 -12.92
CA ILE B 225 -11.07 -16.51 -13.45
C ILE B 225 -10.66 -15.14 -14.10
N LEU B 226 -9.44 -14.67 -13.84
CA LEU B 226 -8.85 -13.61 -14.62
C LEU B 226 -7.85 -14.16 -15.67
N THR B 227 -8.18 -14.00 -16.93
CA THR B 227 -7.42 -14.62 -18.02
C THR B 227 -6.58 -13.58 -18.72
N VAL B 228 -5.28 -13.83 -18.82
CA VAL B 228 -4.40 -12.91 -19.50
C VAL B 228 -4.18 -13.41 -20.92
N ARG B 229 -4.54 -12.57 -21.89
CA ARG B 229 -4.22 -12.85 -23.26
C ARG B 229 -3.18 -11.88 -23.81
N VAL B 230 -2.20 -12.38 -24.54
CA VAL B 230 -1.11 -11.59 -25.04
C VAL B 230 -1.12 -11.84 -26.54
N ASN B 231 -1.24 -10.76 -27.32
CA ASN B 231 -1.56 -10.88 -28.78
C ASN B 231 -2.51 -12.06 -29.14
N GLY B 232 -3.66 -12.12 -28.46
CA GLY B 232 -4.71 -13.09 -28.78
C GLY B 232 -4.54 -14.45 -28.11
N GLU B 233 -3.32 -14.75 -27.64
CA GLU B 233 -3.09 -16.02 -26.93
C GLU B 233 -3.27 -15.96 -25.40
N VAL B 234 -3.92 -16.97 -24.83
CA VAL B 234 -4.17 -17.09 -23.38
C VAL B 234 -2.85 -17.59 -22.80
N VAL B 235 -2.23 -16.83 -21.93
CA VAL B 235 -0.91 -17.19 -21.38
C VAL B 235 -1.02 -17.50 -19.88
N LYS B 236 -2.05 -16.98 -19.22
CA LYS B 236 -2.28 -17.32 -17.80
C LYS B 236 -3.72 -17.22 -17.46
N SER B 237 -4.17 -18.12 -16.58
CA SER B 237 -5.54 -18.08 -16.00
C SER B 237 -5.46 -18.05 -14.53
N MET B 238 -5.97 -17.00 -13.95
CA MET B 238 -5.73 -16.77 -12.53
C MET B 238 -7.02 -16.80 -11.78
N PRO B 239 -7.15 -17.76 -10.82
CA PRO B 239 -8.37 -17.75 -9.96
C PRO B 239 -8.40 -16.46 -9.26
N THR B 240 -9.57 -15.84 -9.25
CA THR B 240 -9.67 -14.54 -8.59
C THR B 240 -10.83 -14.43 -7.61
N SER B 241 -10.65 -13.56 -6.60
CA SER B 241 -11.77 -13.13 -5.72
C SER B 241 -11.98 -11.65 -5.90
N MET B 242 -13.15 -11.25 -6.40
CA MET B 242 -13.41 -9.81 -6.68
C MET B 242 -14.18 -9.22 -5.53
N GLY B 243 -14.88 -8.11 -5.77
CA GLY B 243 -15.50 -7.36 -4.68
C GLY B 243 -16.73 -8.08 -4.20
N LYS B 244 -16.86 -8.28 -2.88
CA LYS B 244 -18.15 -8.74 -2.26
C LYS B 244 -19.38 -7.95 -2.77
N ASP B 245 -20.61 -8.47 -2.63
CA ASP B 245 -21.84 -7.80 -3.18
C ASP B 245 -22.06 -6.35 -2.80
N SER B 246 -21.90 -6.05 -1.53
CA SER B 246 -22.02 -4.67 -1.01
C SER B 246 -20.82 -3.75 -1.43
N THR B 247 -19.73 -4.35 -1.92
CA THR B 247 -18.62 -3.54 -2.46
C THR B 247 -18.17 -4.15 -3.80
N PRO B 248 -19.06 -4.14 -4.81
CA PRO B 248 -18.73 -4.94 -6.01
C PRO B 248 -17.65 -4.30 -6.90
N THR B 249 -16.92 -5.09 -7.70
CA THR B 249 -15.97 -4.56 -8.67
C THR B 249 -16.83 -4.10 -9.88
N ALA B 250 -16.63 -2.89 -10.40
CA ALA B 250 -17.49 -2.35 -11.42
C ALA B 250 -17.10 -2.98 -12.72
N ASN B 251 -18.10 -3.29 -13.55
CA ASN B 251 -17.82 -3.81 -14.91
C ASN B 251 -17.18 -2.75 -15.80
N GLY B 252 -16.56 -3.15 -16.90
CA GLY B 252 -15.99 -2.16 -17.79
C GLY B 252 -14.51 -2.36 -18.08
N ILE B 253 -13.98 -1.43 -18.85
CA ILE B 253 -12.60 -1.47 -19.32
C ILE B 253 -11.77 -0.58 -18.40
N TYR B 254 -10.70 -1.18 -17.86
CA TYR B 254 -9.70 -0.50 -16.99
C TYR B 254 -8.32 -0.41 -17.66
N ILE B 255 -7.68 0.74 -17.48
CA ILE B 255 -6.31 0.91 -17.99
C ILE B 255 -5.29 0.66 -16.88
N VAL B 256 -4.30 -0.18 -17.17
CA VAL B 256 -3.21 -0.43 -16.22
C VAL B 256 -2.40 0.87 -16.18
N GLY B 257 -2.42 1.46 -15.00
CA GLY B 257 -1.45 2.50 -14.60
C GLY B 257 -0.16 1.93 -13.98
N SER B 258 0.08 2.30 -12.73
CA SER B 258 1.32 2.01 -12.01
C SER B 258 1.40 0.60 -11.38
N ARG B 259 2.63 0.06 -11.32
CA ARG B 259 2.97 -1.22 -10.69
C ARG B 259 3.71 -0.98 -9.35
N TYR B 260 3.40 -1.78 -8.33
CA TYR B 260 4.16 -1.72 -7.08
C TYR B 260 4.67 -3.07 -6.61
N LYS B 261 5.91 -3.08 -6.12
CA LYS B 261 6.41 -4.20 -5.28
C LYS B 261 5.55 -4.43 -4.02
N HIS B 262 5.18 -3.38 -3.31
CA HIS B 262 4.33 -3.51 -2.14
C HIS B 262 3.82 -2.12 -1.96
N ILE B 263 2.69 -1.95 -1.28
CA ILE B 263 2.14 -0.62 -1.18
C ILE B 263 1.17 -0.71 -0.03
N ILE B 264 1.01 0.38 0.72
CA ILE B 264 -0.03 0.46 1.76
C ILE B 264 -1.26 0.97 1.10
N MET B 265 -2.27 0.11 1.02
CA MET B 265 -3.54 0.61 0.48
C MET B 265 -4.37 1.28 1.53
N ASP B 266 -4.30 2.59 1.43
CA ASP B 266 -4.98 3.50 2.31
C ASP B 266 -6.29 3.95 1.63
N SER B 267 -7.43 3.64 2.26
CA SER B 267 -8.75 3.88 1.64
C SER B 267 -9.05 5.38 1.43
N SER B 268 -8.53 6.21 2.34
CA SER B 268 -8.79 7.66 2.34
C SER B 268 -8.17 8.36 1.15
N THR B 269 -7.13 7.73 0.58
CA THR B 269 -6.55 8.07 -0.75
C THR B 269 -7.61 8.13 -1.86
N TYR B 270 -8.65 7.30 -1.75
CA TYR B 270 -9.70 7.14 -2.79
C TYR B 270 -11.11 7.66 -2.44
N GLY B 271 -11.25 8.33 -1.29
CA GLY B 271 -12.51 8.94 -0.84
C GLY B 271 -13.04 8.45 0.50
N VAL B 272 -12.79 7.17 0.80
CA VAL B 272 -13.35 6.47 1.97
C VAL B 272 -12.44 6.60 3.21
N PRO B 273 -12.92 7.26 4.32
CA PRO B 273 -12.04 7.30 5.52
C PRO B 273 -11.73 5.86 6.05
N VAL B 274 -10.48 5.59 6.46
CA VAL B 274 -10.06 4.24 6.94
C VAL B 274 -11.00 3.65 8.05
N ASN B 275 -11.43 4.55 8.95
CA ASN B 275 -12.22 4.22 10.12
C ASN B 275 -13.67 3.95 9.83
N SER B 276 -14.16 4.43 8.69
CA SER B 276 -15.50 4.05 8.20
C SER B 276 -15.66 2.49 7.98
N PRO B 277 -16.92 1.96 7.89
CA PRO B 277 -17.09 0.49 7.74
C PRO B 277 -16.57 -0.15 6.42
N ASN B 278 -16.49 0.63 5.34
CA ASN B 278 -15.85 0.24 4.09
C ASN B 278 -14.38 0.70 3.95
N GLY B 279 -13.84 1.27 5.04
CA GLY B 279 -12.43 1.70 5.13
C GLY B 279 -11.42 0.56 5.26
N TYR B 280 -10.16 0.89 4.91
CA TYR B 280 -9.05 -0.06 5.01
C TYR B 280 -7.67 0.62 4.93
N ARG B 281 -6.71 -0.03 5.58
CA ARG B 281 -5.29 0.18 5.39
C ARG B 281 -4.65 -1.19 5.58
N THR B 282 -3.99 -1.64 4.52
CA THR B 282 -3.29 -2.90 4.57
C THR B 282 -2.09 -2.81 3.67
N ASP B 283 -1.01 -3.39 4.16
CA ASP B 283 0.19 -3.43 3.39
C ASP B 283 -0.01 -4.67 2.48
N VAL B 284 0.02 -4.47 1.13
CA VAL B 284 -0.17 -5.58 0.19
C VAL B 284 0.95 -5.64 -0.84
N ASP B 285 1.09 -6.79 -1.48
CA ASP B 285 2.24 -7.05 -2.36
C ASP B 285 1.85 -7.08 -3.80
N TRP B 286 2.83 -6.87 -4.68
CA TRP B 286 2.69 -7.06 -6.13
C TRP B 286 1.36 -6.50 -6.65
N ALA B 287 1.23 -5.17 -6.60
CA ALA B 287 -0.06 -4.51 -6.80
C ALA B 287 -0.04 -3.73 -8.11
N THR B 288 -1.04 -3.97 -8.96
CA THR B 288 -1.16 -3.20 -10.16
C THR B 288 -2.44 -2.37 -10.12
N GLN B 289 -2.28 -1.04 -10.11
CA GLN B 289 -3.42 -0.10 -10.10
C GLN B 289 -4.18 -0.13 -11.43
N ILE B 290 -5.50 -0.16 -11.38
CA ILE B 290 -6.22 -0.15 -12.65
C ILE B 290 -7.36 0.88 -12.68
N SER B 291 -7.60 1.56 -11.57
CA SER B 291 -8.47 2.75 -11.57
C SER B 291 -8.01 3.75 -10.53
N TYR B 292 -8.32 5.05 -10.76
CA TYR B 292 -8.05 6.12 -9.76
C TYR B 292 -8.95 5.95 -8.58
N SER B 293 -10.12 5.32 -8.80
CA SER B 293 -10.98 4.92 -7.68
C SER B 293 -10.31 3.96 -6.68
N GLY B 294 -9.15 3.39 -7.05
CA GLY B 294 -8.38 2.51 -6.14
C GLY B 294 -8.46 0.98 -6.31
N VAL B 295 -8.88 0.56 -7.49
CA VAL B 295 -8.88 -0.85 -7.84
C VAL B 295 -7.46 -1.29 -8.30
N PHE B 296 -6.96 -2.35 -7.66
CA PHE B 296 -5.68 -2.98 -7.96
C PHE B 296 -5.88 -4.50 -8.15
N VAL B 297 -5.06 -5.09 -9.01
CA VAL B 297 -4.76 -6.54 -8.94
C VAL B 297 -3.53 -6.67 -8.01
N HIS B 298 -3.59 -7.59 -7.05
CA HIS B 298 -2.50 -7.79 -6.06
C HIS B 298 -2.55 -9.14 -5.36
N SER B 299 -1.44 -9.48 -4.70
CA SER B 299 -1.33 -10.64 -3.81
C SER B 299 -2.33 -10.57 -2.67
N ALA B 300 -3.14 -11.63 -2.59
CA ALA B 300 -4.05 -11.81 -1.49
C ALA B 300 -3.86 -13.23 -0.89
N PRO B 301 -2.77 -13.41 -0.07
CA PRO B 301 -2.56 -14.66 0.70
C PRO B 301 -3.80 -15.04 1.54
N TRP B 302 -4.38 -14.09 2.28
CA TRP B 302 -5.63 -14.32 3.06
C TRP B 302 -6.88 -14.86 2.32
N SER B 303 -6.99 -14.67 0.99
CA SER B 303 -8.21 -15.13 0.27
C SER B 303 -8.01 -16.28 -0.72
N VAL B 304 -6.88 -17.02 -0.65
CA VAL B 304 -6.60 -18.19 -1.58
C VAL B 304 -7.81 -19.11 -1.74
N GLY B 305 -8.45 -19.49 -0.62
CA GLY B 305 -9.60 -20.39 -0.62
C GLY B 305 -10.86 -19.84 -1.30
N ALA B 306 -11.02 -18.53 -1.32
CA ALA B 306 -12.18 -17.92 -2.00
C ALA B 306 -11.92 -17.68 -3.49
N GLN B 307 -10.65 -17.50 -3.81
CA GLN B 307 -10.25 -17.23 -5.23
C GLN B 307 -10.69 -18.31 -6.21
N GLY B 308 -11.43 -17.90 -7.25
CA GLY B 308 -12.16 -18.84 -8.13
C GLY B 308 -13.54 -19.35 -7.69
N HIS B 309 -14.09 -18.84 -6.55
CA HIS B 309 -15.38 -19.33 -5.98
C HIS B 309 -16.33 -18.22 -5.54
N THR B 310 -15.87 -17.34 -4.67
CA THR B 310 -16.70 -16.25 -4.15
C THR B 310 -15.94 -14.92 -3.97
N ASN B 311 -16.66 -13.83 -4.20
CA ASN B 311 -16.14 -12.50 -4.08
C ASN B 311 -16.09 -12.03 -2.64
N THR B 312 -14.88 -11.69 -2.16
CA THR B 312 -14.65 -11.30 -0.75
C THR B 312 -13.97 -9.91 -0.51
N SER B 313 -13.69 -9.16 -1.57
CA SER B 313 -12.76 -8.01 -1.50
C SER B 313 -13.52 -6.70 -1.42
N HIS B 314 -12.77 -5.59 -1.28
CA HIS B 314 -13.32 -4.25 -1.30
C HIS B 314 -13.61 -3.73 -2.73
N GLY B 315 -13.11 -4.43 -3.75
CA GLY B 315 -13.44 -4.12 -5.14
C GLY B 315 -12.22 -4.53 -5.93
N CYS B 316 -11.10 -4.78 -5.23
CA CYS B 316 -9.85 -5.20 -5.87
C CYS B 316 -9.94 -6.65 -6.47
N LEU B 317 -9.03 -6.95 -7.38
CA LEU B 317 -8.95 -8.30 -7.90
C LEU B 317 -7.91 -9.05 -7.08
N ASN B 318 -8.40 -9.86 -6.15
CA ASN B 318 -7.54 -10.69 -5.30
C ASN B 318 -7.01 -11.86 -6.12
N VAL B 319 -5.68 -12.03 -6.14
CA VAL B 319 -5.01 -13.25 -6.69
C VAL B 319 -3.92 -13.83 -5.73
N SER B 320 -3.44 -15.04 -6.05
CA SER B 320 -2.33 -15.61 -5.30
C SER B 320 -1.04 -14.79 -5.51
N PRO B 321 -0.14 -14.80 -4.50
CA PRO B 321 1.14 -14.12 -4.56
C PRO B 321 1.86 -14.38 -5.88
N SER B 322 1.93 -15.63 -6.31
CA SER B 322 2.67 -15.91 -7.54
C SER B 322 1.94 -15.33 -8.78
N ASN B 323 0.60 -15.24 -8.73
CA ASN B 323 -0.18 -14.70 -9.85
C ASN B 323 -0.06 -13.18 -9.93
N ALA B 324 -0.33 -12.51 -8.78
CA ALA B 324 0.03 -11.10 -8.50
C ALA B 324 1.41 -10.73 -9.02
N GLN B 325 2.43 -11.46 -8.58
CA GLN B 325 3.79 -11.18 -9.06
C GLN B 325 3.99 -11.40 -10.57
N TRP B 326 3.40 -12.49 -11.10
CA TRP B 326 3.46 -12.78 -12.55
C TRP B 326 2.89 -11.53 -13.33
N PHE B 327 1.85 -10.91 -12.72
CA PHE B 327 1.08 -9.79 -13.32
C PHE B 327 1.97 -8.54 -13.29
N TYR B 328 2.45 -8.21 -12.08
CA TYR B 328 3.50 -7.20 -11.92
C TYR B 328 4.56 -7.37 -13.04
N ASP B 329 5.07 -8.57 -13.24
CA ASP B 329 6.14 -8.79 -14.20
C ASP B 329 5.74 -8.73 -15.64
N HIS B 330 4.55 -9.22 -15.97
CA HIS B 330 4.25 -9.39 -17.40
C HIS B 330 3.32 -8.33 -17.94
N VAL B 331 2.77 -7.50 -17.05
CA VAL B 331 1.83 -6.45 -17.44
C VAL B 331 2.48 -5.05 -17.33
N LYS B 332 2.31 -4.20 -18.37
CA LYS B 332 2.91 -2.82 -18.45
C LYS B 332 1.83 -1.74 -18.44
N ARG B 333 2.23 -0.49 -18.17
CA ARG B 333 1.33 0.67 -18.13
C ARG B 333 0.63 0.74 -19.48
N GLY B 334 -0.69 0.84 -19.44
CA GLY B 334 -1.43 0.98 -20.69
C GLY B 334 -2.03 -0.31 -21.24
N ASP B 335 -1.67 -1.45 -20.61
CA ASP B 335 -2.42 -2.71 -20.84
C ASP B 335 -3.87 -2.65 -20.28
N ILE B 336 -4.69 -3.62 -20.65
CA ILE B 336 -6.12 -3.55 -20.32
C ILE B 336 -6.55 -4.62 -19.37
N VAL B 337 -7.31 -4.26 -18.35
CA VAL B 337 -8.13 -5.23 -17.62
C VAL B 337 -9.62 -4.96 -17.93
N GLU B 338 -10.32 -6.00 -18.34
CA GLU B 338 -11.78 -5.87 -18.63
C GLU B 338 -12.56 -6.74 -17.67
N VAL B 339 -13.48 -6.12 -16.96
CA VAL B 339 -14.26 -6.81 -15.98
C VAL B 339 -15.67 -7.02 -16.60
N VAL B 340 -16.22 -8.26 -16.51
CA VAL B 340 -17.58 -8.62 -17.03
C VAL B 340 -18.42 -9.47 -16.08
N ASN B 341 -19.75 -9.22 -16.11
CA ASN B 341 -20.76 -10.01 -15.36
C ASN B 341 -20.75 -9.87 -13.86
N THR B 342 -20.16 -8.82 -13.31
CA THR B 342 -20.27 -8.66 -11.85
C THR B 342 -21.62 -8.00 -11.55
N VAL B 343 -21.97 -7.92 -10.28
CA VAL B 343 -23.20 -7.19 -9.89
C VAL B 343 -22.98 -5.67 -9.78
N GLY B 344 -21.79 -5.21 -10.17
CA GLY B 344 -21.48 -3.79 -10.11
C GLY B 344 -22.16 -3.00 -11.22
N GLY B 345 -22.03 -1.67 -11.15
CA GLY B 345 -22.28 -0.80 -12.30
C GLY B 345 -21.12 -0.86 -13.29
N THR B 346 -20.97 0.20 -14.07
CA THR B 346 -19.85 0.36 -14.98
C THR B 346 -18.89 1.41 -14.42
N LEU B 347 -17.59 1.18 -14.64
CA LEU B 347 -16.56 2.12 -14.21
C LEU B 347 -16.71 3.46 -14.96
N PRO B 348 -16.84 4.60 -14.22
CA PRO B 348 -16.98 5.95 -14.78
C PRO B 348 -15.98 6.25 -15.85
N GLY B 349 -16.42 6.74 -17.02
CA GLY B 349 -15.46 7.07 -18.12
C GLY B 349 -14.43 8.17 -17.71
N ILE B 350 -14.80 8.97 -16.70
CA ILE B 350 -13.89 10.04 -16.25
C ILE B 350 -13.16 9.68 -14.92
N ASP B 351 -12.98 8.36 -14.68
CA ASP B 351 -12.33 7.90 -13.48
C ASP B 351 -10.88 8.44 -13.45
N GLY B 352 -10.19 8.39 -14.60
CA GLY B 352 -8.77 8.60 -14.66
C GLY B 352 -8.18 7.44 -15.41
N LEU B 353 -8.72 6.24 -15.21
CA LEU B 353 -8.27 5.12 -16.06
C LEU B 353 -9.45 4.37 -16.76
N GLY B 354 -10.61 5.01 -16.77
CA GLY B 354 -11.81 4.41 -17.37
C GLY B 354 -12.16 5.01 -18.72
N ASP B 355 -11.19 5.61 -19.39
CA ASP B 355 -11.43 6.40 -20.59
C ASP B 355 -12.24 5.60 -21.65
N TRP B 356 -11.93 4.29 -21.77
CA TRP B 356 -12.57 3.47 -22.78
C TRP B 356 -14.06 3.17 -22.54
N ASN B 357 -14.56 3.44 -21.35
CA ASN B 357 -15.97 3.27 -21.09
C ASN B 357 -16.88 4.37 -21.68
N ILE B 358 -16.30 5.41 -22.25
CA ILE B 358 -17.08 6.50 -22.86
C ILE B 358 -17.26 6.10 -24.33
N PRO B 359 -18.54 6.05 -24.82
CA PRO B 359 -18.69 5.60 -26.21
C PRO B 359 -18.01 6.57 -27.15
N TRP B 360 -17.52 6.05 -28.26
CA TRP B 360 -16.73 6.80 -29.16
C TRP B 360 -17.41 8.09 -29.68
N ASP B 361 -18.68 8.03 -30.06
CA ASP B 361 -19.39 9.22 -30.52
C ASP B 361 -19.41 10.34 -29.47
N GLN B 362 -19.58 9.98 -28.19
CA GLN B 362 -19.49 10.93 -27.10
C GLN B 362 -18.05 11.49 -26.97
N TRP B 363 -17.07 10.60 -26.96
CA TRP B 363 -15.63 10.93 -26.95
C TRP B 363 -15.18 11.84 -28.11
N ARG B 364 -15.42 11.39 -29.34
CA ARG B 364 -15.14 12.17 -30.56
C ARG B 364 -15.82 13.55 -30.51
N ALA B 365 -17.07 13.64 -30.04
CA ALA B 365 -17.74 14.97 -29.97
C ALA B 365 -17.00 15.90 -28.96
N GLY B 366 -16.38 15.30 -27.93
CA GLY B 366 -15.60 16.06 -26.96
C GLY B 366 -16.48 16.96 -26.10
N ASN B 367 -15.84 17.87 -25.39
CA ASN B 367 -16.47 18.73 -24.35
C ASN B 367 -15.61 19.97 -24.19
N ALA B 368 -15.04 20.46 -25.29
CA ALA B 368 -14.25 21.70 -25.37
C ALA B 368 -14.94 23.00 -24.96
C10 6B7 C . 7.33 -35.15 13.25
CD 6B7 C . 6.47 -37.43 14.35
C12 6B7 C . 4.89 -37.56 14.45
N 6B7 C . 7.17 -37.14 15.64
C13 6B7 C . 4.45 -38.76 15.34
C14 6B7 C . 4.02 -37.33 13.17
C15 6B7 C . 3.05 -38.47 12.75
S1 6B7 C . 10.37 -37.58 13.01
C1 6B7 C . 12.89 -36.24 13.09
O1 6B7 C . 13.64 -35.37 12.65
O2 6B7 C . 13.29 -37.43 13.75
C2 6B7 C . 14.68 -37.89 13.76
O 6B7 C . 9.53 -36.72 17.36
C3 6B7 C . 14.97 -38.88 12.61
OXT 6B7 C . 9.94 -35.20 15.64
C4 6B7 C . 16.21 -38.60 11.76
O5 6B7 C . 4.96 -39.88 15.26
C5 6B7 C . 11.37 -36.02 12.98
O6 6B7 C . 3.32 -36.03 13.23
CB 6B7 C . 8.63 -37.38 13.76
CA 6B7 C . 8.42 -37.04 15.26
C 6B7 C . 9.41 -36.25 16.16
CG 6B7 C . 7.36 -36.69 13.25
#